data_7UFY
#
_entry.id   7UFY
#
_cell.length_a   49.813
_cell.length_b   104.732
_cell.length_c   193.154
_cell.angle_alpha   90.000
_cell.angle_beta   90.000
_cell.angle_gamma   90.000
#
_symmetry.space_group_name_H-M   'P 21 21 21'
#
loop_
_entity.id
_entity.type
_entity.pdbx_description
1 polymer 'Tyrosyl-DNA phosphodiesterase 1'
2 non-polymer '[(4-{[(4S)-2,7-diphenylimidazo[1,2-a]pyridin-3-yl]amino}phenyl)methyl]phosphonic acid'
3 non-polymer 1,2-ETHANEDIOL
4 water water
#
_entity_poly.entity_id   1
_entity_poly.type   'polypeptide(L)'
_entity_poly.pdbx_seq_one_letter_code
;SGEGQDIWDMLDKGNPFQFYLTRVSGVKPKYNSGALHIKDILSPLFGTLVSSAQFNYCFDVDWLVKQYPPEFRKKPILLV
HGDKREAKAHLHAQAKPYENISLCQAKLDIAFGTHHTKMMLLLYEEGLRVVIHTSNLIHADWHQKTQGIWLSPLYPRIAD
GTHKSGESPTHFKADLISYLMAYNAPSLKEWIDVIHKHDLSETNVYLIGSTPGRFQGSQKDNWGHFRLKKLLKDHASSMP
NAESWPVVGQFSSVGSLGADESKWLCSEFKESMLTLGKESKTPGKSSVPLYLIYPSVENVRTSLEGYPAGGSLPYSIQTA
EKQNWLHSYFHKWSAETSGRSNAMPHIKTYMRPSPDFSKIAWFLVTSANLSKAAWGALEKNGTQLMIRSYELGVLFLPSA
FGLDSFKVKQKFFAGSQEPMATFPVPYDLPPELYGSKDRPWIWNIPYVKAPDTHGNMWVPS
;
_entity_poly.pdbx_strand_id   A,B
#
# COMPACT_ATOMS: atom_id res chain seq x y z
N ASN A 15 11.14 -7.04 -20.42
CA ASN A 15 9.81 -6.76 -19.87
C ASN A 15 9.77 -6.80 -18.35
N PRO A 16 9.04 -5.88 -17.75
CA PRO A 16 8.75 -5.99 -16.32
C PRO A 16 7.57 -6.90 -16.00
N PHE A 17 6.85 -7.42 -16.99
CA PHE A 17 5.57 -7.99 -16.65
C PHE A 17 5.66 -9.44 -16.25
N GLN A 18 6.58 -10.21 -16.83
CA GLN A 18 6.75 -11.62 -16.49
C GLN A 18 5.44 -12.39 -16.68
N PHE A 19 4.75 -12.09 -17.77
CA PHE A 19 3.55 -12.78 -18.18
C PHE A 19 3.90 -13.65 -19.36
N TYR A 20 3.64 -14.95 -19.23
CA TYR A 20 4.04 -15.93 -20.25
C TYR A 20 2.83 -16.73 -20.69
N LEU A 21 2.93 -17.29 -21.90
CA LEU A 21 2.06 -18.39 -22.29
C LEU A 21 2.79 -19.71 -22.16
N THR A 22 2.01 -20.77 -22.06
CA THR A 22 2.60 -22.11 -22.10
C THR A 22 3.01 -22.47 -23.54
N ARG A 23 4.00 -23.34 -23.64
CA ARG A 23 4.42 -23.87 -24.94
C ARG A 23 3.26 -24.63 -25.61
N VAL A 24 3.16 -24.51 -26.94
CA VAL A 24 2.15 -25.22 -27.72
C VAL A 24 2.83 -26.13 -28.71
N SER A 25 2.51 -27.41 -28.65
N SER A 25 2.52 -27.42 -28.64
CA SER A 25 3.02 -28.37 -29.63
CA SER A 25 3.03 -28.36 -29.63
C SER A 25 2.27 -28.20 -30.95
C SER A 25 2.27 -28.19 -30.94
N GLY A 26 2.99 -27.88 -32.01
CA GLY A 26 2.37 -27.68 -33.31
C GLY A 26 2.23 -26.24 -33.78
N VAL A 27 2.94 -25.32 -33.16
CA VAL A 27 3.17 -24.02 -33.76
C VAL A 27 4.64 -23.89 -34.10
N LYS A 28 4.94 -22.98 -35.03
CA LYS A 28 6.31 -22.75 -35.43
C LYS A 28 7.13 -22.31 -34.21
N PRO A 29 8.43 -22.63 -34.20
CA PRO A 29 9.28 -22.23 -33.06
C PRO A 29 9.20 -20.76 -32.68
N LYS A 30 9.00 -19.85 -33.64
CA LYS A 30 8.94 -18.44 -33.28
C LYS A 30 7.78 -18.13 -32.32
N TYR A 31 6.73 -18.94 -32.33
CA TYR A 31 5.61 -18.77 -31.41
C TYR A 31 5.79 -19.54 -30.10
N ASN A 32 6.91 -20.22 -29.91
CA ASN A 32 7.22 -20.79 -28.61
C ASN A 32 8.45 -20.15 -28.00
N SER A 33 9.09 -19.21 -28.71
CA SER A 33 10.26 -18.50 -28.20
C SER A 33 9.84 -17.60 -27.05
N GLY A 34 10.19 -17.97 -25.85
CA GLY A 34 9.71 -17.22 -24.70
C GLY A 34 8.39 -17.71 -24.15
N ALA A 35 7.87 -18.82 -24.63
CA ALA A 35 6.83 -19.53 -23.90
C ALA A 35 7.49 -20.48 -22.90
N LEU A 36 6.71 -20.97 -21.93
CA LEU A 36 7.24 -21.87 -20.90
C LEU A 36 6.44 -23.16 -20.83
N HIS A 37 7.14 -24.29 -20.79
CA HIS A 37 6.51 -25.53 -20.39
C HIS A 37 6.72 -25.73 -18.89
N ILE A 38 5.90 -26.60 -18.29
CA ILE A 38 6.06 -26.86 -16.86
C ILE A 38 7.48 -27.36 -16.54
N LYS A 39 8.09 -28.15 -17.46
CA LYS A 39 9.45 -28.61 -17.23
C LYS A 39 10.43 -27.45 -17.17
N ASP A 40 10.16 -26.36 -17.90
CA ASP A 40 11.02 -25.18 -17.79
C ASP A 40 10.85 -24.50 -16.43
N ILE A 41 9.59 -24.34 -15.98
CA ILE A 41 9.33 -23.70 -14.69
C ILE A 41 10.03 -24.41 -13.55
N LEU A 42 10.08 -25.75 -13.60
CA LEU A 42 10.62 -26.53 -12.50
C LEU A 42 12.11 -26.83 -12.67
N SER A 43 12.73 -26.33 -13.73
N SER A 43 12.73 -26.39 -13.76
CA SER A 43 14.12 -26.65 -14.06
CA SER A 43 14.10 -26.77 -14.02
C SER A 43 15.07 -26.13 -12.98
C SER A 43 15.04 -26.16 -12.99
N PRO A 44 16.25 -26.76 -12.82
N PRO A 44 16.22 -26.76 -12.79
CA PRO A 44 17.23 -26.23 -11.87
CA PRO A 44 17.18 -26.18 -11.83
C PRO A 44 17.67 -24.81 -12.21
C PRO A 44 17.65 -24.79 -12.20
N LEU A 45 17.51 -24.39 -13.47
CA LEU A 45 17.86 -23.03 -13.85
C LEU A 45 17.01 -22.00 -13.11
N PHE A 46 15.80 -22.36 -12.72
CA PHE A 46 14.94 -21.42 -12.00
C PHE A 46 15.24 -21.41 -10.50
N GLY A 47 15.97 -22.40 -9.99
CA GLY A 47 16.26 -22.46 -8.58
C GLY A 47 16.48 -23.91 -8.14
N THR A 48 17.16 -24.06 -7.00
CA THR A 48 17.49 -25.38 -6.46
C THR A 48 16.38 -25.76 -5.51
N LEU A 49 15.48 -26.62 -5.97
CA LEU A 49 14.25 -26.90 -5.22
C LEU A 49 14.52 -27.63 -3.91
N VAL A 50 13.95 -27.07 -2.84
N VAL A 50 13.85 -27.20 -2.85
CA VAL A 50 13.87 -27.69 -1.52
CA VAL A 50 13.82 -27.99 -1.62
C VAL A 50 12.53 -28.38 -1.32
C VAL A 50 12.41 -28.40 -1.20
N SER A 51 11.44 -27.72 -1.69
N SER A 51 11.36 -27.73 -1.68
CA SER A 51 10.08 -28.24 -1.55
CA SER A 51 10.00 -28.07 -1.34
C SER A 51 9.18 -27.40 -2.43
C SER A 51 9.07 -27.27 -2.23
N SER A 52 7.95 -27.87 -2.62
CA SER A 52 6.99 -27.17 -3.44
C SER A 52 5.56 -27.44 -3.01
N ALA A 53 4.68 -26.51 -3.32
CA ALA A 53 3.24 -26.70 -3.13
C ALA A 53 2.57 -26.48 -4.48
N GLN A 54 1.72 -27.41 -4.87
CA GLN A 54 0.96 -27.33 -6.12
C GLN A 54 -0.53 -27.18 -5.80
N PHE A 55 -1.05 -25.96 -5.95
CA PHE A 55 -2.47 -25.66 -5.79
C PHE A 55 -3.13 -25.91 -7.13
N ASN A 56 -4.18 -26.73 -7.17
CA ASN A 56 -4.81 -26.91 -8.46
C ASN A 56 -6.20 -27.52 -8.27
N TYR A 57 -6.84 -27.83 -9.42
CA TYR A 57 -8.15 -28.50 -9.49
C TYR A 57 -7.99 -29.97 -9.83
N CYS A 58 -7.33 -30.26 -10.96
N CYS A 58 -7.35 -30.26 -10.97
CA CYS A 58 -7.16 -31.62 -11.46
CA CYS A 58 -7.14 -31.61 -11.47
C CYS A 58 -5.67 -31.96 -11.51
C CYS A 58 -5.66 -31.94 -11.45
N PHE A 59 -5.33 -33.18 -11.10
CA PHE A 59 -3.96 -33.65 -11.00
C PHE A 59 -3.81 -35.02 -11.66
N ASP A 60 -2.75 -35.17 -12.44
CA ASP A 60 -2.27 -36.49 -12.86
C ASP A 60 -0.94 -36.62 -12.14
N VAL A 61 -0.92 -37.35 -11.02
CA VAL A 61 0.26 -37.30 -10.15
C VAL A 61 1.46 -37.94 -10.84
N ASP A 62 1.26 -39.08 -11.53
CA ASP A 62 2.38 -39.74 -12.19
C ASP A 62 3.04 -38.79 -13.17
N TRP A 63 2.20 -38.10 -13.96
CA TRP A 63 2.68 -37.10 -14.92
C TRP A 63 3.37 -35.95 -14.20
N LEU A 64 2.77 -35.45 -13.12
CA LEU A 64 3.32 -34.29 -12.42
C LEU A 64 4.74 -34.56 -11.93
N VAL A 65 4.97 -35.73 -11.31
CA VAL A 65 6.28 -36.01 -10.74
C VAL A 65 7.32 -36.05 -11.85
N LYS A 66 6.93 -36.56 -13.02
CA LYS A 66 7.87 -36.61 -14.13
C LYS A 66 8.22 -35.23 -14.68
N GLN A 67 7.44 -34.18 -14.34
CA GLN A 67 7.78 -32.85 -14.83
C GLN A 67 8.87 -32.20 -13.99
N TYR A 68 9.09 -32.69 -12.80
CA TYR A 68 10.18 -32.20 -11.97
C TYR A 68 11.50 -32.78 -12.49
N PRO A 69 12.61 -32.06 -12.36
CA PRO A 69 13.91 -32.64 -12.71
C PRO A 69 14.17 -33.90 -11.92
N PRO A 70 14.80 -34.92 -12.52
CA PRO A 70 15.04 -36.17 -11.78
C PRO A 70 15.66 -35.93 -10.40
N GLU A 71 16.61 -34.99 -10.30
CA GLU A 71 17.31 -34.75 -9.05
C GLU A 71 16.40 -34.14 -7.98
N PHE A 72 15.24 -33.61 -8.37
CA PHE A 72 14.32 -32.97 -7.42
C PHE A 72 13.08 -33.80 -7.17
N ARG A 73 12.99 -35.02 -7.74
CA ARG A 73 11.69 -35.71 -7.71
C ARG A 73 11.33 -36.28 -6.34
N LYS A 74 12.25 -36.32 -5.38
CA LYS A 74 11.95 -36.83 -4.05
C LYS A 74 11.81 -35.73 -3.03
N LYS A 75 11.93 -34.47 -3.45
CA LYS A 75 11.71 -33.34 -2.54
C LYS A 75 10.23 -33.28 -2.19
N PRO A 76 9.89 -32.81 -0.98
CA PRO A 76 8.49 -32.76 -0.58
C PRO A 76 7.63 -31.96 -1.53
N ILE A 77 6.44 -32.50 -1.84
CA ILE A 77 5.43 -31.84 -2.66
C ILE A 77 4.13 -31.86 -1.88
N LEU A 78 3.48 -30.70 -1.77
CA LEU A 78 2.15 -30.61 -1.18
C LEU A 78 1.15 -30.38 -2.32
N LEU A 79 0.13 -31.22 -2.42
CA LEU A 79 -0.95 -31.00 -3.41
C LEU A 79 -2.13 -30.38 -2.66
N VAL A 80 -2.54 -29.18 -3.07
CA VAL A 80 -3.67 -28.50 -2.45
C VAL A 80 -4.85 -28.63 -3.42
N HIS A 81 -5.92 -29.32 -2.99
CA HIS A 81 -7.01 -29.70 -3.88
C HIS A 81 -8.33 -29.50 -3.13
N GLY A 82 -9.45 -29.72 -3.82
CA GLY A 82 -10.75 -29.61 -3.18
C GLY A 82 -11.60 -30.86 -3.23
N ASP A 83 -11.01 -31.99 -3.62
CA ASP A 83 -11.78 -33.21 -3.84
C ASP A 83 -12.36 -33.78 -2.54
N LYS A 84 -13.57 -34.36 -2.66
CA LYS A 84 -14.25 -35.05 -1.57
C LYS A 84 -14.59 -36.49 -1.94
N ARG A 85 -14.95 -37.27 -0.92
CA ARG A 85 -15.61 -38.58 -1.09
C ARG A 85 -14.78 -39.45 -2.01
N GLU A 86 -15.35 -40.08 -3.05
CA GLU A 86 -14.56 -40.99 -3.88
C GLU A 86 -13.49 -40.26 -4.68
N ALA A 87 -13.75 -39.01 -5.10
CA ALA A 87 -12.73 -38.26 -5.81
C ALA A 87 -11.50 -38.05 -4.96
N LYS A 88 -11.69 -37.75 -3.67
CA LYS A 88 -10.57 -37.59 -2.74
C LYS A 88 -9.81 -38.91 -2.60
N ALA A 89 -10.55 -40.00 -2.49
CA ALA A 89 -9.89 -41.30 -2.38
C ALA A 89 -9.03 -41.58 -3.61
N HIS A 90 -9.54 -41.24 -4.80
CA HIS A 90 -8.78 -41.49 -6.02
C HIS A 90 -7.49 -40.68 -6.03
N LEU A 91 -7.52 -39.44 -5.54
CA LEU A 91 -6.32 -38.63 -5.54
C LEU A 91 -5.32 -39.17 -4.53
N HIS A 92 -5.80 -39.56 -3.36
CA HIS A 92 -4.89 -40.18 -2.39
C HIS A 92 -4.25 -41.43 -2.97
N ALA A 93 -5.03 -42.22 -3.71
CA ALA A 93 -4.46 -43.44 -4.28
C ALA A 93 -3.40 -43.11 -5.32
N GLN A 94 -3.59 -42.01 -6.08
CA GLN A 94 -2.61 -41.54 -7.04
C GLN A 94 -1.29 -41.19 -6.36
N ALA A 95 -1.36 -40.59 -5.17
CA ALA A 95 -0.18 -40.07 -4.51
C ALA A 95 0.49 -41.08 -3.60
N LYS A 96 -0.22 -42.13 -3.15
CA LYS A 96 0.33 -43.12 -2.20
C LYS A 96 1.68 -43.72 -2.60
N PRO A 97 2.00 -43.96 -3.88
CA PRO A 97 3.34 -44.46 -4.22
C PRO A 97 4.49 -43.50 -3.94
N TYR A 98 4.22 -42.22 -3.73
CA TYR A 98 5.23 -41.18 -3.57
C TYR A 98 5.19 -40.68 -2.12
N GLU A 99 6.08 -41.21 -1.29
CA GLU A 99 6.02 -40.91 0.14
C GLU A 99 6.39 -39.47 0.41
N ASN A 100 6.96 -38.77 -0.57
CA ASN A 100 7.26 -37.35 -0.44
C ASN A 100 6.05 -36.47 -0.73
N ILE A 101 4.92 -37.02 -1.12
CA ILE A 101 3.75 -36.23 -1.46
C ILE A 101 2.78 -36.20 -0.29
N SER A 102 2.42 -34.98 0.13
N SER A 102 2.41 -34.99 0.13
CA SER A 102 1.39 -34.72 1.12
CA SER A 102 1.36 -34.78 1.11
C SER A 102 0.22 -34.03 0.43
C SER A 102 0.22 -34.01 0.45
N LEU A 103 -0.97 -34.13 1.04
CA LEU A 103 -2.16 -33.53 0.48
C LEU A 103 -2.84 -32.62 1.49
N CYS A 104 -3.44 -31.56 0.96
CA CYS A 104 -4.26 -30.64 1.74
C CYS A 104 -5.60 -30.51 1.02
N GLN A 105 -6.67 -30.96 1.69
CA GLN A 105 -8.04 -30.82 1.19
C GLN A 105 -8.59 -29.47 1.65
N ALA A 106 -8.73 -28.55 0.70
CA ALA A 106 -9.29 -27.24 1.01
C ALA A 106 -10.76 -27.37 1.33
N LYS A 107 -11.18 -26.74 2.42
CA LYS A 107 -12.57 -26.82 2.83
C LYS A 107 -13.46 -26.08 1.84
N LEU A 108 -14.60 -26.69 1.52
CA LEU A 108 -15.56 -26.16 0.54
C LEU A 108 -16.92 -26.30 1.20
N ASP A 109 -17.23 -25.36 2.08
CA ASP A 109 -18.42 -25.51 2.91
C ASP A 109 -19.66 -24.87 2.30
N ILE A 110 -19.54 -24.24 1.13
CA ILE A 110 -20.69 -23.79 0.36
C ILE A 110 -20.87 -24.71 -0.84
N ALA A 111 -22.12 -25.10 -1.09
CA ALA A 111 -22.42 -26.04 -2.16
C ALA A 111 -21.96 -25.50 -3.51
N PHE A 112 -21.52 -26.44 -4.38
CA PHE A 112 -21.16 -26.18 -5.77
C PHE A 112 -19.89 -25.36 -5.91
N GLY A 113 -19.07 -25.26 -4.86
CA GLY A 113 -17.78 -24.62 -5.00
C GLY A 113 -16.69 -25.58 -5.40
N THR A 114 -15.61 -25.02 -5.96
CA THR A 114 -14.46 -25.84 -6.29
C THR A 114 -13.20 -25.16 -5.82
N HIS A 115 -12.15 -25.96 -5.68
CA HIS A 115 -10.81 -25.42 -5.45
C HIS A 115 -10.17 -25.23 -6.82
N HIS A 116 -10.28 -24.02 -7.36
CA HIS A 116 -9.95 -23.81 -8.78
C HIS A 116 -8.63 -23.08 -8.99
N THR A 117 -8.08 -22.49 -7.93
CA THR A 117 -6.79 -21.81 -7.96
C THR A 117 -5.67 -22.68 -8.53
N LYS A 118 -4.82 -22.06 -9.36
CA LYS A 118 -3.66 -22.74 -9.95
C LYS A 118 -2.44 -21.93 -9.55
N MET A 119 -1.65 -22.50 -8.63
CA MET A 119 -0.52 -21.77 -8.10
C MET A 119 0.56 -22.75 -7.73
N MET A 120 1.81 -22.37 -7.96
CA MET A 120 2.95 -23.11 -7.44
C MET A 120 3.68 -22.24 -6.44
N LEU A 121 4.01 -22.81 -5.28
CA LEU A 121 4.96 -22.19 -4.36
C LEU A 121 6.22 -23.04 -4.44
N LEU A 122 7.33 -22.40 -4.78
CA LEU A 122 8.57 -23.12 -5.09
C LEU A 122 9.62 -22.59 -4.11
N LEU A 123 9.97 -23.40 -3.10
CA LEU A 123 11.00 -23.01 -2.14
C LEU A 123 12.33 -23.56 -2.62
N TYR A 124 13.32 -22.68 -2.70
CA TYR A 124 14.65 -22.99 -3.18
C TYR A 124 15.71 -22.78 -2.12
N GLU A 125 16.88 -23.37 -2.36
CA GLU A 125 18.05 -23.01 -1.57
C GLU A 125 18.31 -21.51 -1.64
N GLU A 126 17.96 -20.87 -2.75
CA GLU A 126 18.30 -19.48 -3.06
C GLU A 126 17.21 -18.49 -2.70
N GLY A 127 16.02 -18.95 -2.37
CA GLY A 127 14.93 -18.02 -2.15
C GLY A 127 13.61 -18.73 -2.40
N LEU A 128 12.60 -17.94 -2.81
CA LEU A 128 11.23 -18.41 -2.99
C LEU A 128 10.68 -17.86 -4.29
N ARG A 129 9.88 -18.65 -5.02
CA ARG A 129 9.17 -18.16 -6.19
C ARG A 129 7.70 -18.53 -6.08
N VAL A 130 6.85 -17.65 -6.56
CA VAL A 130 5.41 -17.88 -6.65
C VAL A 130 5.05 -17.87 -8.12
N VAL A 131 4.28 -18.86 -8.57
CA VAL A 131 3.82 -18.97 -9.97
C VAL A 131 2.31 -19.02 -9.90
N ILE A 132 1.62 -18.05 -10.52
CA ILE A 132 0.16 -18.07 -10.54
C ILE A 132 -0.23 -18.23 -11.99
N HIS A 133 -1.01 -19.26 -12.30
CA HIS A 133 -1.17 -19.65 -13.72
C HIS A 133 -2.58 -20.19 -13.93
N THR A 134 -2.84 -20.81 -15.10
CA THR A 134 -4.20 -21.20 -15.44
C THR A 134 -4.36 -22.68 -15.78
N SER A 135 -3.31 -23.47 -15.70
CA SER A 135 -3.38 -24.85 -16.22
C SER A 135 -3.63 -25.86 -15.10
N ASN A 136 -4.43 -26.87 -15.41
CA ASN A 136 -4.48 -28.07 -14.57
C ASN A 136 -3.15 -28.82 -14.70
N LEU A 137 -2.89 -29.71 -13.74
CA LEU A 137 -1.65 -30.50 -13.77
C LEU A 137 -1.89 -31.86 -14.43
N ILE A 138 -2.22 -31.79 -15.71
CA ILE A 138 -2.43 -32.95 -16.57
C ILE A 138 -1.76 -32.59 -17.89
N HIS A 139 -1.36 -33.63 -18.63
CA HIS A 139 -0.63 -33.46 -19.88
C HIS A 139 -1.37 -32.56 -20.87
N ALA A 140 -2.69 -32.79 -21.02
CA ALA A 140 -3.41 -32.07 -22.07
C ALA A 140 -3.43 -30.57 -21.83
N ASP A 141 -3.34 -30.13 -20.57
CA ASP A 141 -3.45 -28.70 -20.35
C ASP A 141 -2.19 -27.96 -20.76
N TRP A 142 -1.08 -28.65 -20.94
CA TRP A 142 0.17 -28.01 -21.31
C TRP A 142 0.59 -28.37 -22.73
N HIS A 143 -0.31 -29.01 -23.49
CA HIS A 143 0.09 -29.57 -24.78
C HIS A 143 -0.30 -28.63 -25.92
N GLN A 144 -1.59 -28.40 -26.14
CA GLN A 144 -2.01 -27.59 -27.30
C GLN A 144 -3.04 -26.56 -26.89
N LYS A 145 -2.98 -26.07 -25.64
CA LYS A 145 -3.91 -25.03 -25.17
C LYS A 145 -3.19 -23.69 -25.07
N THR A 146 -3.99 -22.62 -25.12
CA THR A 146 -3.50 -21.29 -24.72
C THR A 146 -3.71 -21.16 -23.22
N GLN A 147 -2.61 -21.07 -22.45
CA GLN A 147 -2.65 -20.93 -20.99
C GLN A 147 -1.75 -19.77 -20.61
N GLY A 148 -2.04 -19.12 -19.48
CA GLY A 148 -1.26 -17.98 -18.99
C GLY A 148 -0.51 -18.29 -17.70
N ILE A 149 0.66 -17.66 -17.56
CA ILE A 149 1.54 -17.84 -16.39
C ILE A 149 2.04 -16.46 -15.96
N TRP A 150 1.98 -16.17 -14.65
CA TRP A 150 2.74 -15.07 -14.05
C TRP A 150 3.84 -15.68 -13.20
N LEU A 151 5.10 -15.29 -13.48
CA LEU A 151 6.26 -15.76 -12.73
C LEU A 151 6.70 -14.65 -11.80
N SER A 152 6.70 -14.92 -10.49
CA SER A 152 7.28 -13.94 -9.57
C SER A 152 8.79 -13.83 -9.77
N PRO A 153 9.38 -12.74 -9.26
CA PRO A 153 10.84 -12.68 -9.08
C PRO A 153 11.30 -13.80 -8.14
N LEU A 154 12.60 -14.07 -8.17
CA LEU A 154 13.20 -14.85 -7.09
C LEU A 154 13.25 -13.98 -5.85
N TYR A 155 12.49 -14.38 -4.84
CA TYR A 155 12.45 -13.59 -3.61
C TYR A 155 13.54 -14.05 -2.67
N PRO A 156 14.45 -13.19 -2.22
CA PRO A 156 15.49 -13.64 -1.31
C PRO A 156 14.96 -13.79 0.10
N ARG A 157 15.68 -14.59 0.87
CA ARG A 157 15.39 -14.69 2.30
C ARG A 157 15.80 -13.42 3.03
N ILE A 158 14.97 -13.02 3.99
CA ILE A 158 15.36 -12.01 4.97
C ILE A 158 16.27 -12.68 6.00
N ALA A 159 17.42 -12.09 6.25
CA ALA A 159 18.38 -12.65 7.19
C ALA A 159 17.79 -12.74 8.61
N ASP A 160 18.06 -13.85 9.28
CA ASP A 160 17.57 -14.02 10.63
C ASP A 160 18.14 -12.94 11.55
N GLY A 161 17.27 -12.40 12.40
CA GLY A 161 17.61 -11.26 13.21
C GLY A 161 17.31 -9.91 12.57
N THR A 162 17.15 -9.87 11.26
CA THR A 162 16.71 -8.65 10.59
C THR A 162 15.20 -8.53 10.70
N HIS A 163 14.72 -7.34 11.09
CA HIS A 163 13.28 -7.08 11.14
C HIS A 163 12.94 -6.13 10.00
N LYS A 164 12.32 -6.68 8.96
CA LYS A 164 11.81 -5.84 7.88
C LYS A 164 10.54 -6.47 7.38
N SER A 165 9.70 -5.67 6.71
CA SER A 165 8.45 -6.25 6.27
C SER A 165 8.62 -7.20 5.10
N GLY A 166 9.54 -6.92 4.19
CA GLY A 166 9.53 -7.63 2.91
C GLY A 166 8.32 -7.38 2.05
N GLU A 167 7.61 -6.27 2.29
CA GLU A 167 6.36 -6.00 1.61
C GLU A 167 6.58 -5.13 0.36
N SER A 168 5.72 -5.37 -0.66
CA SER A 168 5.76 -4.60 -1.90
C SER A 168 4.81 -3.42 -1.82
N PRO A 169 4.95 -2.45 -2.73
CA PRO A 169 3.95 -1.37 -2.80
C PRO A 169 2.54 -1.85 -3.14
N THR A 170 2.41 -3.07 -3.71
CA THR A 170 1.09 -3.62 -4.03
C THR A 170 0.52 -4.46 -2.90
N HIS A 171 1.24 -4.57 -1.79
CA HIS A 171 0.79 -5.32 -0.60
C HIS A 171 0.74 -6.82 -0.89
N PHE A 172 1.47 -7.30 -1.88
CA PHE A 172 1.32 -8.68 -2.31
C PHE A 172 1.65 -9.67 -1.21
N LYS A 173 2.64 -9.37 -0.38
CA LYS A 173 3.06 -10.36 0.62
C LYS A 173 1.96 -10.60 1.62
N ALA A 174 1.45 -9.54 2.23
CA ALA A 174 0.35 -9.67 3.16
C ALA A 174 -0.88 -10.25 2.48
N ASP A 175 -1.13 -9.88 1.23
CA ASP A 175 -2.34 -10.35 0.59
C ASP A 175 -2.24 -11.85 0.28
N LEU A 176 -1.06 -12.31 -0.14
CA LEU A 176 -0.88 -13.76 -0.33
C LEU A 176 -1.01 -14.52 0.98
N ILE A 177 -0.47 -13.97 2.07
CA ILE A 177 -0.63 -14.64 3.35
C ILE A 177 -2.11 -14.66 3.75
N SER A 178 -2.84 -13.58 3.45
N SER A 178 -2.85 -13.58 3.46
CA SER A 178 -4.28 -13.53 3.76
CA SER A 178 -4.27 -13.57 3.79
C SER A 178 -5.06 -14.58 2.99
C SER A 178 -5.04 -14.63 2.99
N TYR A 179 -4.72 -14.75 1.71
CA TYR A 179 -5.31 -15.81 0.87
C TYR A 179 -5.06 -17.20 1.48
N LEU A 180 -3.81 -17.47 1.87
CA LEU A 180 -3.51 -18.78 2.45
C LEU A 180 -4.17 -18.96 3.82
N MET A 181 -4.29 -17.88 4.60
N MET A 181 -4.27 -17.88 4.61
CA MET A 181 -4.89 -17.99 5.94
CA MET A 181 -4.89 -17.98 5.93
C MET A 181 -6.34 -18.43 5.86
C MET A 181 -6.31 -18.47 5.83
N ALA A 182 -7.02 -18.12 4.76
CA ALA A 182 -8.42 -18.48 4.64
C ALA A 182 -8.65 -19.98 4.60
N TYR A 183 -7.63 -20.77 4.21
CA TYR A 183 -7.79 -22.22 4.21
C TYR A 183 -7.85 -22.82 5.61
N ASN A 184 -7.27 -22.15 6.61
CA ASN A 184 -7.19 -22.67 7.97
C ASN A 184 -6.56 -24.07 7.99
N ALA A 185 -5.46 -24.21 7.26
CA ALA A 185 -4.85 -25.53 7.06
C ALA A 185 -3.44 -25.58 7.62
N PRO A 186 -3.07 -26.63 8.37
CA PRO A 186 -1.72 -26.62 8.96
C PRO A 186 -0.61 -26.69 7.94
N SER A 187 -0.77 -27.47 6.87
CA SER A 187 0.27 -27.47 5.84
C SER A 187 0.48 -26.08 5.22
N LEU A 188 -0.58 -25.27 5.14
CA LEU A 188 -0.44 -23.97 4.54
C LEU A 188 0.08 -22.96 5.56
N LYS A 189 -0.16 -23.15 6.86
CA LYS A 189 0.52 -22.28 7.81
C LYS A 189 2.03 -22.45 7.71
N GLU A 190 2.51 -23.65 7.37
CA GLU A 190 3.95 -23.83 7.19
C GLU A 190 4.45 -22.97 6.04
N TRP A 191 3.67 -22.92 4.95
CA TRP A 191 4.02 -22.09 3.80
C TRP A 191 3.89 -20.62 4.12
N ILE A 192 2.92 -20.24 4.97
CA ILE A 192 2.83 -18.84 5.42
C ILE A 192 4.10 -18.44 6.15
N ASP A 193 4.63 -19.34 6.98
CA ASP A 193 5.85 -19.03 7.72
C ASP A 193 7.05 -18.91 6.76
N VAL A 194 7.08 -19.74 5.71
CA VAL A 194 8.10 -19.59 4.67
C VAL A 194 8.01 -18.20 4.03
N ILE A 195 6.80 -17.81 3.65
CA ILE A 195 6.61 -16.50 2.98
C ILE A 195 7.04 -15.36 3.92
N HIS A 196 6.69 -15.46 5.22
CA HIS A 196 7.11 -14.41 6.16
C HIS A 196 8.62 -14.20 6.15
N LYS A 197 9.39 -15.27 5.95
CA LYS A 197 10.84 -15.20 6.00
C LYS A 197 11.48 -14.66 4.72
N HIS A 198 10.69 -14.34 3.68
CA HIS A 198 11.24 -13.87 2.41
C HIS A 198 10.83 -12.43 2.11
N ASP A 199 11.61 -11.81 1.25
CA ASP A 199 11.43 -10.41 0.86
C ASP A 199 10.70 -10.39 -0.47
N LEU A 200 9.42 -10.00 -0.45
CA LEU A 200 8.62 -9.96 -1.67
C LEU A 200 8.44 -8.54 -2.19
N SER A 201 9.31 -7.63 -1.79
CA SER A 201 9.09 -6.21 -2.05
C SER A 201 9.21 -5.82 -3.53
N GLU A 202 9.82 -6.66 -4.38
CA GLU A 202 9.91 -6.32 -5.79
C GLU A 202 8.63 -6.58 -6.56
N THR A 203 7.60 -7.13 -5.91
CA THR A 203 6.40 -7.55 -6.64
C THR A 203 5.62 -6.35 -7.11
N ASN A 204 5.26 -6.36 -8.39
N ASN A 204 5.26 -6.31 -8.38
CA ASN A 204 4.59 -5.23 -9.03
CA ASN A 204 4.50 -5.16 -8.89
C ASN A 204 3.16 -5.53 -9.45
C ASN A 204 3.22 -5.61 -9.59
N VAL A 205 2.65 -6.72 -9.14
CA VAL A 205 1.26 -7.08 -9.41
C VAL A 205 0.45 -7.09 -8.11
N TYR A 206 -0.87 -6.93 -8.27
CA TYR A 206 -1.80 -7.04 -7.15
C TYR A 206 -2.47 -8.39 -7.18
N LEU A 207 -2.59 -9.00 -6.01
CA LEU A 207 -3.28 -10.27 -5.91
C LEU A 207 -4.78 -10.10 -5.89
N ILE A 208 -5.51 -10.89 -6.71
CA ILE A 208 -6.98 -10.90 -6.62
C ILE A 208 -7.40 -12.34 -6.40
N GLY A 209 -7.82 -12.63 -5.18
CA GLY A 209 -8.26 -13.99 -4.86
C GLY A 209 -9.75 -14.08 -4.60
N SER A 210 -10.29 -15.29 -4.76
CA SER A 210 -11.59 -15.64 -4.20
C SER A 210 -11.39 -16.77 -3.22
N THR A 211 -12.20 -16.77 -2.17
N THR A 211 -12.11 -16.72 -2.10
CA THR A 211 -12.21 -17.86 -1.23
CA THR A 211 -12.19 -17.86 -1.18
C THR A 211 -13.64 -18.02 -0.72
C THR A 211 -13.66 -18.04 -0.81
N PRO A 212 -14.05 -19.24 -0.40
CA PRO A 212 -15.47 -19.45 -0.09
C PRO A 212 -15.89 -18.70 1.16
N GLY A 213 -17.04 -18.08 1.07
CA GLY A 213 -17.58 -17.46 2.26
C GLY A 213 -18.66 -16.45 1.97
N ARG A 214 -19.09 -15.81 3.05
N ARG A 214 -19.11 -15.81 3.04
CA ARG A 214 -20.14 -14.78 3.05
CA ARG A 214 -20.13 -14.77 2.99
C ARG A 214 -19.48 -13.57 3.71
C ARG A 214 -19.56 -13.55 3.70
N PHE A 215 -19.11 -12.59 2.91
CA PHE A 215 -18.28 -11.48 3.40
C PHE A 215 -19.10 -10.20 3.52
N GLN A 216 -19.02 -9.57 4.70
CA GLN A 216 -19.73 -8.34 5.01
C GLN A 216 -18.75 -7.29 5.53
N GLY A 217 -19.22 -6.05 5.65
CA GLY A 217 -18.44 -5.04 6.34
C GLY A 217 -16.98 -4.90 5.96
N SER A 218 -16.07 -5.11 6.92
CA SER A 218 -14.64 -4.89 6.69
C SER A 218 -14.03 -5.92 5.77
N GLN A 219 -14.79 -6.95 5.37
CA GLN A 219 -14.28 -8.04 4.55
C GLN A 219 -14.84 -8.09 3.15
N LYS A 220 -15.88 -7.30 2.83
CA LYS A 220 -16.51 -7.40 1.54
C LYS A 220 -15.54 -7.06 0.39
N ASP A 221 -14.55 -6.22 0.63
CA ASP A 221 -13.61 -5.82 -0.40
C ASP A 221 -12.39 -6.73 -0.49
N ASN A 222 -12.37 -7.81 0.29
CA ASN A 222 -11.19 -8.68 0.29
C ASN A 222 -11.09 -9.59 -0.92
N TRP A 223 -12.22 -9.92 -1.57
CA TRP A 223 -12.25 -11.07 -2.49
C TRP A 223 -13.10 -10.79 -3.72
N GLY A 224 -12.84 -11.57 -4.77
CA GLY A 224 -13.77 -11.58 -5.91
C GLY A 224 -13.91 -10.23 -6.60
N HIS A 225 -15.12 -9.97 -7.12
CA HIS A 225 -15.19 -8.78 -7.96
C HIS A 225 -15.17 -7.50 -7.15
N PHE A 226 -15.49 -7.57 -5.85
CA PHE A 226 -15.36 -6.39 -4.98
C PHE A 226 -13.89 -6.09 -4.70
N ARG A 227 -13.03 -7.11 -4.64
CA ARG A 227 -11.59 -6.87 -4.55
C ARG A 227 -11.08 -6.15 -5.79
N LEU A 228 -11.53 -6.59 -6.96
CA LEU A 228 -11.15 -5.88 -8.18
C LEU A 228 -11.63 -4.44 -8.16
N LYS A 229 -12.90 -4.24 -7.79
CA LYS A 229 -13.46 -2.90 -7.70
C LYS A 229 -12.64 -2.02 -6.76
N LYS A 230 -12.23 -2.55 -5.60
CA LYS A 230 -11.50 -1.73 -4.63
C LYS A 230 -10.15 -1.30 -5.18
N LEU A 231 -9.45 -2.22 -5.85
CA LEU A 231 -8.14 -1.92 -6.40
C LEU A 231 -8.25 -0.88 -7.50
N LEU A 232 -9.28 -1.01 -8.34
CA LEU A 232 -9.48 -0.04 -9.41
C LEU A 232 -9.88 1.34 -8.87
N LYS A 233 -10.69 1.38 -7.80
CA LYS A 233 -11.00 2.65 -7.17
C LYS A 233 -9.74 3.31 -6.61
N ASP A 234 -8.88 2.52 -5.98
CA ASP A 234 -7.76 3.09 -5.23
C ASP A 234 -6.51 3.33 -6.07
N HIS A 235 -6.28 2.57 -7.14
CA HIS A 235 -4.99 2.59 -7.82
C HIS A 235 -5.12 2.77 -9.33
N ALA A 236 -6.30 3.13 -9.82
CA ALA A 236 -6.46 3.57 -11.20
C ALA A 236 -7.17 4.92 -11.18
N SER A 237 -7.04 5.66 -12.27
CA SER A 237 -7.75 6.93 -12.38
C SER A 237 -8.66 6.88 -13.59
N SER A 238 -9.77 7.59 -13.48
CA SER A 238 -10.68 7.73 -14.60
C SER A 238 -10.12 8.73 -15.59
N MET A 239 -10.43 8.53 -16.85
CA MET A 239 -10.01 9.40 -17.93
C MET A 239 -11.23 9.99 -18.61
N PRO A 240 -11.09 11.07 -19.37
CA PRO A 240 -12.24 11.59 -20.11
C PRO A 240 -12.72 10.52 -21.08
N ASN A 241 -14.03 10.50 -21.30
CA ASN A 241 -14.66 9.53 -22.20
C ASN A 241 -14.44 8.11 -21.72
N ALA A 242 -14.35 7.90 -20.39
CA ALA A 242 -14.18 6.55 -19.86
C ALA A 242 -15.31 5.62 -20.27
N GLU A 243 -16.52 6.15 -20.47
CA GLU A 243 -17.62 5.29 -20.85
C GLU A 243 -17.41 4.67 -22.23
N SER A 244 -16.45 5.19 -22.98
CA SER A 244 -16.11 4.65 -24.29
C SER A 244 -15.05 3.56 -24.24
N TRP A 245 -14.41 3.36 -23.09
CA TRP A 245 -13.39 2.32 -22.97
C TRP A 245 -14.11 1.00 -22.69
N PRO A 246 -14.05 0.03 -23.58
CA PRO A 246 -14.74 -1.24 -23.35
C PRO A 246 -14.18 -2.05 -22.18
N VAL A 247 -14.96 -3.05 -21.77
CA VAL A 247 -14.51 -4.13 -20.90
C VAL A 247 -14.43 -5.40 -21.73
N VAL A 248 -13.36 -6.17 -21.57
CA VAL A 248 -13.21 -7.45 -22.27
C VAL A 248 -13.07 -8.54 -21.20
N GLY A 249 -13.87 -9.60 -21.34
CA GLY A 249 -13.71 -10.78 -20.50
C GLY A 249 -13.52 -11.98 -21.42
N GLN A 250 -12.60 -12.86 -21.03
CA GLN A 250 -12.15 -13.96 -21.88
C GLN A 250 -11.98 -15.19 -20.99
N PHE A 251 -12.68 -16.28 -21.30
CA PHE A 251 -12.81 -17.36 -20.32
C PHE A 251 -13.10 -18.67 -21.04
N SER A 252 -13.07 -19.77 -20.28
CA SER A 252 -13.25 -21.06 -20.92
C SER A 252 -14.44 -21.83 -20.36
N SER A 253 -15.20 -21.24 -19.44
CA SER A 253 -16.40 -21.85 -18.92
C SER A 253 -17.35 -20.74 -18.52
N VAL A 254 -18.64 -21.06 -18.53
CA VAL A 254 -19.72 -20.11 -18.32
C VAL A 254 -20.67 -20.68 -17.26
N GLY A 255 -20.90 -19.92 -16.18
CA GLY A 255 -21.87 -20.35 -15.19
C GLY A 255 -23.28 -19.89 -15.52
N SER A 256 -24.22 -20.28 -14.66
N SER A 256 -24.21 -20.29 -14.67
CA SER A 256 -25.59 -19.80 -14.78
CA SER A 256 -25.58 -19.79 -14.74
C SER A 256 -25.67 -18.37 -14.27
C SER A 256 -25.60 -18.34 -14.27
N LEU A 257 -25.91 -17.42 -15.18
CA LEU A 257 -25.84 -16.01 -14.83
C LEU A 257 -27.20 -15.38 -14.57
N GLY A 258 -28.28 -16.10 -14.81
CA GLY A 258 -29.63 -15.61 -14.57
C GLY A 258 -30.40 -15.38 -15.87
N ALA A 259 -31.66 -15.00 -15.69
CA ALA A 259 -32.61 -14.94 -16.79
C ALA A 259 -32.38 -13.75 -17.73
N ASP A 260 -31.59 -12.75 -17.32
CA ASP A 260 -31.30 -11.62 -18.20
C ASP A 260 -30.05 -10.91 -17.66
N GLU A 261 -29.56 -9.94 -18.43
CA GLU A 261 -28.26 -9.38 -18.10
C GLU A 261 -28.31 -8.52 -16.84
N SER A 262 -29.50 -8.11 -16.42
CA SER A 262 -29.60 -7.26 -15.23
C SER A 262 -29.42 -8.04 -13.93
N LYS A 263 -29.51 -9.37 -13.98
CA LYS A 263 -29.50 -10.16 -12.75
C LYS A 263 -28.13 -10.18 -12.09
N TRP A 264 -27.07 -10.19 -12.89
CA TRP A 264 -25.69 -10.24 -12.39
C TRP A 264 -24.66 -9.65 -13.36
N LEU A 265 -24.71 -10.03 -14.64
CA LEU A 265 -23.59 -9.70 -15.54
C LEU A 265 -23.41 -8.20 -15.72
N CYS A 266 -24.49 -7.50 -16.06
CA CYS A 266 -24.44 -6.07 -16.33
C CYS A 266 -24.90 -5.23 -15.18
N SER A 267 -25.10 -5.83 -14.01
CA SER A 267 -25.43 -5.04 -12.84
C SER A 267 -24.17 -5.04 -11.99
N GLU A 268 -23.95 -6.07 -11.19
CA GLU A 268 -22.83 -5.98 -10.28
C GLU A 268 -21.49 -6.32 -10.92
N PHE A 269 -21.42 -7.30 -11.82
CA PHE A 269 -20.14 -7.73 -12.37
C PHE A 269 -19.53 -6.67 -13.28
N LYS A 270 -20.27 -6.24 -14.30
CA LYS A 270 -19.78 -5.15 -15.15
C LYS A 270 -19.50 -3.90 -14.33
N GLU A 271 -20.35 -3.58 -13.35
CA GLU A 271 -20.15 -2.37 -12.56
C GLU A 271 -18.82 -2.39 -11.82
N SER A 272 -18.42 -3.54 -11.26
CA SER A 272 -17.09 -3.64 -10.68
C SER A 272 -16.02 -3.44 -11.76
N MET A 273 -16.18 -4.10 -12.89
CA MET A 273 -15.16 -4.08 -13.94
C MET A 273 -14.98 -2.70 -14.56
N LEU A 274 -16.03 -1.87 -14.56
N LEU A 274 -16.01 -1.85 -14.55
CA LEU A 274 -15.96 -0.52 -15.13
CA LEU A 274 -15.87 -0.55 -15.17
C LEU A 274 -15.27 0.48 -14.22
C LEU A 274 -15.44 0.54 -14.17
N THR A 275 -15.13 0.16 -12.94
CA THR A 275 -14.66 1.13 -11.95
C THR A 275 -13.28 1.66 -12.32
N LEU A 276 -13.14 2.98 -12.22
CA LEU A 276 -11.83 3.65 -12.34
C LEU A 276 -11.82 4.85 -11.41
N GLY A 277 -10.95 4.81 -10.42
CA GLY A 277 -10.78 5.96 -9.55
C GLY A 277 -11.87 6.08 -8.50
N LYS A 278 -11.78 7.18 -7.73
CA LYS A 278 -12.52 7.27 -6.47
C LYS A 278 -13.80 8.08 -6.56
N GLU A 279 -14.11 8.66 -7.72
CA GLU A 279 -15.32 9.47 -7.81
C GLU A 279 -16.43 8.66 -8.49
N SER A 280 -17.68 8.97 -8.10
CA SER A 280 -18.85 8.24 -8.55
C SER A 280 -19.05 8.39 -10.05
N SER A 286 -25.27 2.10 -17.79
CA SER A 286 -23.96 2.35 -18.37
C SER A 286 -23.87 1.93 -19.84
N SER A 287 -23.22 2.77 -20.64
CA SER A 287 -23.06 2.54 -22.06
C SER A 287 -21.73 1.88 -22.40
N VAL A 288 -20.97 1.43 -21.41
CA VAL A 288 -19.65 0.84 -21.66
C VAL A 288 -19.82 -0.47 -22.42
N PRO A 289 -19.18 -0.62 -23.58
CA PRO A 289 -19.29 -1.89 -24.34
C PRO A 289 -18.67 -3.03 -23.56
N LEU A 290 -19.34 -4.18 -23.60
CA LEU A 290 -18.85 -5.41 -22.95
C LEU A 290 -18.62 -6.47 -24.02
N TYR A 291 -17.35 -6.87 -24.17
N TYR A 291 -17.39 -6.97 -24.12
CA TYR A 291 -16.92 -7.95 -25.06
CA TYR A 291 -17.05 -7.96 -25.14
C TYR A 291 -16.69 -9.20 -24.22
C TYR A 291 -16.56 -9.23 -24.46
N LEU A 292 -17.30 -10.33 -24.62
CA LEU A 292 -16.98 -11.60 -24.00
C LEU A 292 -16.40 -12.52 -25.07
N ILE A 293 -15.25 -13.12 -24.80
CA ILE A 293 -14.55 -14.00 -25.75
C ILE A 293 -14.65 -15.44 -25.27
N TYR A 294 -15.28 -16.29 -26.08
CA TYR A 294 -15.51 -17.68 -25.70
C TYR A 294 -15.53 -18.49 -26.99
N PRO A 295 -14.85 -19.63 -27.05
CA PRO A 295 -14.76 -20.37 -28.34
C PRO A 295 -16.10 -20.78 -28.91
N SER A 296 -16.23 -20.55 -30.22
CA SER A 296 -17.36 -21.10 -30.96
C SER A 296 -17.15 -22.57 -31.27
N VAL A 297 -18.22 -23.23 -31.74
CA VAL A 297 -18.10 -24.61 -32.20
C VAL A 297 -17.04 -24.72 -33.30
N GLU A 298 -17.03 -23.77 -34.24
N GLU A 298 -17.03 -23.78 -34.25
CA GLU A 298 -16.06 -23.82 -35.32
CA GLU A 298 -16.04 -23.82 -35.32
C GLU A 298 -14.64 -23.61 -34.81
C GLU A 298 -14.62 -23.63 -34.78
N ASN A 299 -14.44 -22.74 -33.81
CA ASN A 299 -13.13 -22.60 -33.16
C ASN A 299 -12.64 -23.96 -32.67
N VAL A 300 -13.52 -24.71 -31.99
CA VAL A 300 -13.13 -26.00 -31.43
C VAL A 300 -12.87 -27.02 -32.54
N ARG A 301 -13.78 -27.08 -33.51
CA ARG A 301 -13.66 -28.12 -34.55
C ARG A 301 -12.33 -28.04 -35.27
N THR A 302 -11.92 -26.81 -35.61
CA THR A 302 -10.72 -26.58 -36.41
C THR A 302 -9.48 -26.41 -35.56
N SER A 303 -9.58 -26.66 -34.25
CA SER A 303 -8.44 -26.49 -33.35
C SER A 303 -7.44 -27.62 -33.50
N LEU A 304 -6.23 -27.40 -32.94
CA LEU A 304 -5.19 -28.43 -32.92
C LEU A 304 -5.69 -29.72 -32.32
N GLU A 305 -6.45 -29.64 -31.23
CA GLU A 305 -6.98 -30.83 -30.58
C GLU A 305 -8.20 -31.40 -31.26
N GLY A 306 -8.94 -30.58 -32.00
CA GLY A 306 -10.23 -30.95 -32.55
C GLY A 306 -11.31 -30.90 -31.47
N TYR A 307 -12.39 -31.64 -31.71
CA TYR A 307 -13.49 -31.62 -30.75
C TYR A 307 -13.07 -31.96 -29.32
N PRO A 308 -12.09 -32.83 -29.06
CA PRO A 308 -11.68 -33.08 -27.67
C PRO A 308 -11.28 -31.83 -26.91
N ALA A 309 -10.89 -30.76 -27.61
CA ALA A 309 -10.64 -29.50 -26.89
C ALA A 309 -11.85 -29.12 -26.08
N GLY A 310 -13.04 -29.48 -26.57
CA GLY A 310 -14.28 -29.11 -25.91
C GLY A 310 -14.52 -29.83 -24.60
N GLY A 311 -13.76 -30.88 -24.31
CA GLY A 311 -13.82 -31.45 -22.97
C GLY A 311 -13.26 -30.54 -21.89
N SER A 312 -12.51 -29.50 -22.26
CA SER A 312 -12.02 -28.50 -21.31
C SER A 312 -12.80 -27.20 -21.41
N LEU A 313 -13.99 -27.24 -22.03
CA LEU A 313 -14.88 -26.09 -22.21
C LEU A 313 -16.28 -26.51 -21.79
N PRO A 314 -16.51 -26.67 -20.47
CA PRO A 314 -17.65 -27.46 -20.00
C PRO A 314 -19.03 -26.79 -19.95
N TYR A 315 -19.34 -25.92 -20.91
CA TYR A 315 -20.63 -25.22 -20.95
C TYR A 315 -21.74 -26.18 -21.34
N SER A 316 -22.67 -26.40 -20.43
CA SER A 316 -23.71 -27.39 -20.64
C SER A 316 -24.94 -26.79 -21.32
N ILE A 317 -25.65 -27.63 -22.08
CA ILE A 317 -26.86 -27.19 -22.77
C ILE A 317 -27.95 -26.80 -21.76
N GLN A 318 -28.00 -27.45 -20.59
CA GLN A 318 -29.00 -27.10 -19.58
C GLN A 318 -28.80 -25.66 -19.09
N THR A 319 -27.55 -25.24 -18.97
CA THR A 319 -27.25 -23.87 -18.57
C THR A 319 -27.51 -22.91 -19.72
N ALA A 320 -26.99 -23.24 -20.91
CA ALA A 320 -27.01 -22.31 -22.03
C ALA A 320 -28.44 -21.95 -22.43
N GLU A 321 -29.36 -22.93 -22.45
CA GLU A 321 -30.73 -22.69 -22.90
C GLU A 321 -31.51 -21.79 -21.95
N LYS A 322 -31.00 -21.54 -20.73
CA LYS A 322 -31.62 -20.63 -19.78
C LYS A 322 -31.15 -19.18 -19.97
N GLN A 323 -30.15 -18.95 -20.81
CA GLN A 323 -29.54 -17.63 -20.90
C GLN A 323 -29.09 -17.33 -22.33
N ASN A 324 -29.98 -17.57 -23.30
CA ASN A 324 -29.59 -17.30 -24.68
C ASN A 324 -29.26 -15.83 -24.89
N TRP A 325 -29.82 -14.94 -24.05
CA TRP A 325 -29.47 -13.53 -24.11
C TRP A 325 -27.97 -13.31 -24.06
N LEU A 326 -27.25 -14.18 -23.37
CA LEU A 326 -25.82 -13.97 -23.15
C LEU A 326 -25.02 -14.09 -24.44
N HIS A 327 -25.48 -14.94 -25.37
CA HIS A 327 -24.60 -15.27 -26.49
C HIS A 327 -24.46 -14.12 -27.47
N SER A 328 -25.35 -13.13 -27.42
N SER A 328 -25.35 -13.13 -27.42
CA SER A 328 -25.17 -11.91 -28.20
CA SER A 328 -25.18 -11.92 -28.19
C SER A 328 -23.98 -11.08 -27.75
C SER A 328 -23.91 -11.16 -27.82
N TYR A 329 -23.35 -11.42 -26.63
CA TYR A 329 -22.11 -10.78 -26.20
C TYR A 329 -20.87 -11.51 -26.66
N PHE A 330 -21.02 -12.67 -27.32
CA PHE A 330 -19.90 -13.57 -27.49
C PHE A 330 -19.13 -13.25 -28.77
N HIS A 331 -17.80 -13.31 -28.65
CA HIS A 331 -16.84 -13.09 -29.70
C HIS A 331 -15.94 -14.31 -29.83
N LYS A 332 -15.50 -14.57 -31.06
CA LYS A 332 -14.69 -15.75 -31.36
C LYS A 332 -13.32 -15.66 -30.72
N TRP A 333 -12.72 -16.83 -30.50
CA TRP A 333 -11.30 -16.86 -30.16
C TRP A 333 -10.46 -16.62 -31.42
N SER A 334 -9.50 -15.69 -31.30
CA SER A 334 -8.57 -15.39 -32.37
C SER A 334 -7.28 -14.91 -31.75
N ALA A 335 -6.16 -15.50 -32.13
CA ALA A 335 -4.89 -15.19 -31.48
C ALA A 335 -3.76 -15.26 -32.51
N GLU A 336 -3.96 -14.62 -33.66
CA GLU A 336 -2.86 -14.54 -34.62
C GLU A 336 -1.65 -13.87 -34.02
N THR A 337 -1.85 -12.89 -33.13
CA THR A 337 -0.73 -12.20 -32.49
C THR A 337 0.24 -13.15 -31.79
N SER A 338 -0.25 -14.29 -31.27
CA SER A 338 0.63 -15.24 -30.60
C SER A 338 0.68 -16.58 -31.33
N GLY A 339 0.21 -16.62 -32.58
CA GLY A 339 0.16 -17.86 -33.35
C GLY A 339 -0.75 -18.90 -32.76
N ARG A 340 -1.75 -18.51 -31.97
CA ARG A 340 -2.50 -19.45 -31.14
C ARG A 340 -4.00 -19.48 -31.47
N SER A 341 -4.41 -19.06 -32.67
CA SER A 341 -5.83 -19.13 -32.98
C SER A 341 -6.38 -20.56 -32.93
N ASN A 342 -5.54 -21.59 -33.19
CA ASN A 342 -6.01 -22.97 -33.14
C ASN A 342 -5.63 -23.69 -31.84
N ALA A 343 -5.14 -22.95 -30.84
CA ALA A 343 -4.79 -23.51 -29.53
C ALA A 343 -5.87 -23.03 -28.56
N MET A 344 -6.84 -23.90 -28.25
CA MET A 344 -8.03 -23.40 -27.58
C MET A 344 -7.68 -22.83 -26.22
N PRO A 345 -8.36 -21.77 -25.81
CA PRO A 345 -8.00 -21.10 -24.56
C PRO A 345 -8.47 -21.85 -23.34
N HIS A 346 -7.57 -22.00 -22.38
CA HIS A 346 -7.92 -22.32 -21.01
C HIS A 346 -7.45 -21.22 -20.08
N ILE A 347 -6.65 -20.30 -20.59
CA ILE A 347 -6.38 -19.03 -19.89
C ILE A 347 -7.70 -18.29 -19.66
N LYS A 348 -7.75 -17.48 -18.60
CA LYS A 348 -8.84 -16.52 -18.41
C LYS A 348 -8.22 -15.16 -18.20
N THR A 349 -8.76 -14.17 -18.88
CA THR A 349 -8.23 -12.81 -18.77
C THR A 349 -9.37 -11.80 -18.82
N TYR A 350 -9.13 -10.65 -18.18
CA TYR A 350 -10.08 -9.54 -18.15
C TYR A 350 -9.28 -8.26 -18.31
N MET A 351 -9.78 -7.30 -19.08
CA MET A 351 -8.98 -6.09 -19.27
C MET A 351 -9.89 -4.95 -19.72
N ARG A 352 -9.32 -3.74 -19.71
CA ARG A 352 -10.04 -2.51 -20.03
C ARG A 352 -9.31 -1.75 -21.14
N PRO A 353 -9.53 -2.09 -22.40
CA PRO A 353 -8.86 -1.37 -23.49
C PRO A 353 -9.49 -0.01 -23.77
N SER A 354 -8.72 0.83 -24.45
CA SER A 354 -9.20 2.11 -24.98
C SER A 354 -10.16 1.86 -26.15
N PRO A 355 -10.88 2.90 -26.61
CA PRO A 355 -11.89 2.67 -27.65
C PRO A 355 -11.31 2.14 -28.95
N ASP A 356 -10.05 2.46 -29.26
CA ASP A 356 -9.40 1.90 -30.43
C ASP A 356 -8.49 0.73 -30.10
N PHE A 357 -8.55 0.18 -28.88
CA PHE A 357 -7.84 -1.04 -28.47
C PHE A 357 -6.32 -0.88 -28.56
N SER A 358 -5.82 0.35 -28.60
CA SER A 358 -4.38 0.56 -28.69
C SER A 358 -3.71 0.60 -27.32
N LYS A 359 -4.49 0.79 -26.27
CA LYS A 359 -4.02 0.95 -24.90
C LYS A 359 -4.92 0.14 -24.02
N ILE A 360 -4.41 -0.20 -22.81
CA ILE A 360 -5.28 -0.79 -21.80
C ILE A 360 -5.05 -0.08 -20.47
N ALA A 361 -6.13 0.04 -19.72
CA ALA A 361 -6.04 0.64 -18.38
C ALA A 361 -5.64 -0.35 -17.31
N TRP A 362 -5.79 -1.65 -17.56
CA TRP A 362 -5.37 -2.72 -16.65
C TRP A 362 -5.57 -4.05 -17.35
N PHE A 363 -4.92 -5.09 -16.81
CA PHE A 363 -5.01 -6.45 -17.35
C PHE A 363 -5.00 -7.41 -16.18
N LEU A 364 -5.87 -8.43 -16.20
CA LEU A 364 -5.92 -9.44 -15.14
C LEU A 364 -5.82 -10.81 -15.79
N VAL A 365 -4.89 -11.64 -15.29
CA VAL A 365 -4.91 -13.08 -15.65
C VAL A 365 -5.30 -13.84 -14.40
N THR A 366 -6.18 -14.82 -14.55
CA THR A 366 -6.78 -15.45 -13.37
C THR A 366 -7.28 -16.85 -13.69
N SER A 367 -7.54 -17.62 -12.63
CA SER A 367 -8.24 -18.89 -12.82
C SER A 367 -9.74 -18.71 -12.98
N ALA A 368 -10.29 -17.52 -12.70
CA ALA A 368 -11.75 -17.35 -12.62
C ALA A 368 -12.41 -17.28 -14.01
N ASN A 369 -13.33 -18.22 -14.25
CA ASN A 369 -14.22 -18.19 -15.40
C ASN A 369 -15.37 -17.22 -15.14
N LEU A 370 -16.29 -17.13 -16.11
CA LEU A 370 -17.40 -16.18 -16.02
C LEU A 370 -18.53 -16.84 -15.24
N SER A 371 -18.41 -16.81 -13.91
CA SER A 371 -19.43 -17.41 -13.06
C SER A 371 -19.53 -16.67 -11.73
N LYS A 372 -20.73 -16.75 -11.17
CA LYS A 372 -20.96 -16.20 -9.83
C LYS A 372 -20.19 -16.96 -8.77
N ALA A 373 -19.98 -18.27 -8.95
CA ALA A 373 -19.25 -19.04 -7.95
C ALA A 373 -17.83 -18.54 -7.80
N ALA A 374 -17.21 -18.13 -8.92
CA ALA A 374 -15.83 -17.67 -8.96
C ALA A 374 -15.66 -16.23 -8.52
N TRP A 375 -16.58 -15.36 -8.94
CA TRP A 375 -16.42 -13.92 -8.76
C TRP A 375 -17.20 -13.35 -7.58
N GLY A 376 -18.23 -14.05 -7.14
CA GLY A 376 -19.07 -13.62 -6.05
C GLY A 376 -20.39 -13.06 -6.54
N ALA A 377 -21.43 -13.21 -5.71
CA ALA A 377 -22.75 -12.66 -5.98
C ALA A 377 -23.22 -11.96 -4.71
N LEU A 378 -23.71 -10.74 -4.86
CA LEU A 378 -24.20 -10.00 -3.72
C LEU A 378 -25.45 -10.64 -3.14
N GLU A 379 -25.54 -10.63 -1.81
CA GLU A 379 -26.70 -11.14 -1.09
C GLU A 379 -27.06 -10.15 0.01
N LYS A 380 -28.20 -10.38 0.65
CA LYS A 380 -28.66 -9.61 1.81
C LYS A 380 -28.72 -8.12 1.49
N ASN A 381 -29.48 -7.80 0.44
CA ASN A 381 -29.75 -6.40 0.10
C ASN A 381 -28.43 -5.67 -0.21
N GLY A 382 -27.54 -6.37 -0.89
CA GLY A 382 -26.27 -5.80 -1.32
C GLY A 382 -25.21 -5.61 -0.24
N THR A 383 -25.42 -6.16 0.95
CA THR A 383 -24.46 -5.98 2.05
C THR A 383 -23.46 -7.12 2.18
N GLN A 384 -23.66 -8.24 1.48
CA GLN A 384 -22.84 -9.42 1.67
C GLN A 384 -22.43 -9.95 0.31
N LEU A 385 -21.17 -10.31 0.15
CA LEU A 385 -20.71 -10.95 -1.09
C LEU A 385 -20.49 -12.43 -0.79
N MET A 386 -21.18 -13.31 -1.52
CA MET A 386 -21.04 -14.74 -1.31
C MET A 386 -20.24 -15.33 -2.46
N ILE A 387 -19.18 -16.05 -2.10
CA ILE A 387 -18.31 -16.72 -3.05
C ILE A 387 -18.31 -18.21 -2.74
N ARG A 388 -18.39 -19.02 -3.77
CA ARG A 388 -18.40 -20.47 -3.56
C ARG A 388 -17.02 -21.12 -3.67
N SER A 389 -16.08 -20.53 -4.42
N SER A 389 -16.10 -20.50 -4.40
CA SER A 389 -14.90 -21.25 -4.87
CA SER A 389 -14.90 -21.20 -4.85
C SER A 389 -13.61 -20.48 -4.59
C SER A 389 -13.63 -20.50 -4.38
N TYR A 390 -12.52 -21.23 -4.54
CA TYR A 390 -11.17 -20.64 -4.50
C TYR A 390 -10.74 -20.32 -5.92
N GLU A 391 -10.26 -19.09 -6.11
CA GLU A 391 -9.72 -18.64 -7.37
C GLU A 391 -8.54 -17.73 -7.09
N LEU A 392 -7.68 -17.53 -8.10
CA LEU A 392 -6.55 -16.62 -7.86
C LEU A 392 -6.08 -16.05 -9.18
N GLY A 393 -5.73 -14.76 -9.14
CA GLY A 393 -5.19 -14.12 -10.33
C GLY A 393 -4.33 -12.94 -9.92
N VAL A 394 -3.65 -12.35 -10.91
CA VAL A 394 -2.83 -11.16 -10.64
C VAL A 394 -3.25 -10.04 -11.59
N LEU A 395 -3.26 -8.84 -11.03
CA LEU A 395 -3.73 -7.66 -11.74
C LEU A 395 -2.53 -6.76 -12.05
N PHE A 396 -2.42 -6.37 -13.33
CA PHE A 396 -1.40 -5.46 -13.83
C PHE A 396 -2.04 -4.08 -13.94
N LEU A 397 -1.60 -3.12 -13.07
CA LEU A 397 -2.09 -1.76 -13.15
C LEU A 397 -0.99 -0.82 -13.58
N PRO A 398 -1.27 0.10 -14.49
CA PRO A 398 -0.21 1.03 -14.95
C PRO A 398 0.46 1.77 -13.81
N SER A 399 -0.30 2.16 -12.79
CA SER A 399 0.31 2.92 -11.70
C SER A 399 1.41 2.13 -11.01
N ALA A 400 1.31 0.79 -11.01
CA ALA A 400 2.32 -0.02 -10.35
C ALA A 400 3.62 -0.08 -11.14
N PHE A 401 3.61 0.48 -12.37
CA PHE A 401 4.77 0.53 -13.22
C PHE A 401 5.18 1.96 -13.55
N GLY A 402 4.64 2.97 -12.85
CA GLY A 402 4.96 4.35 -13.16
C GLY A 402 4.30 4.85 -14.42
N LEU A 403 3.19 4.27 -14.83
CA LEU A 403 2.57 4.60 -16.12
C LEU A 403 1.12 5.02 -15.92
N ASP A 404 0.58 5.73 -16.94
CA ASP A 404 -0.82 6.08 -16.97
C ASP A 404 -1.67 5.02 -17.66
N SER A 405 -1.12 4.31 -18.64
CA SER A 405 -1.81 3.23 -19.35
C SER A 405 -0.70 2.32 -19.89
N PHE A 406 -1.07 1.14 -20.37
CA PHE A 406 -0.17 0.26 -21.11
C PHE A 406 -0.48 0.36 -22.60
N LYS A 407 0.55 0.51 -23.40
N LYS A 407 0.55 0.50 -23.40
CA LYS A 407 0.39 0.22 -24.82
CA LYS A 407 0.39 0.28 -24.85
C LYS A 407 0.18 -1.28 -25.02
C LYS A 407 0.32 -1.22 -25.13
N VAL A 408 -0.59 -1.61 -26.03
CA VAL A 408 -0.78 -3.01 -26.37
C VAL A 408 0.32 -3.43 -27.33
N LYS A 409 0.98 -4.54 -27.02
CA LYS A 409 2.02 -5.08 -27.89
C LYS A 409 1.41 -5.64 -29.18
N GLN A 410 1.97 -5.20 -30.31
CA GLN A 410 1.35 -5.54 -31.59
C GLN A 410 1.51 -7.02 -31.92
N LYS A 411 2.69 -7.57 -31.66
CA LYS A 411 2.97 -8.98 -31.87
C LYS A 411 3.48 -9.54 -30.55
N PHE A 412 2.80 -10.59 -30.03
CA PHE A 412 3.04 -11.03 -28.66
C PHE A 412 4.49 -11.40 -28.41
N PHE A 413 5.14 -12.05 -29.38
CA PHE A 413 6.52 -12.52 -29.22
C PHE A 413 7.53 -11.63 -29.92
N ALA A 414 7.16 -10.41 -30.31
CA ALA A 414 8.07 -9.52 -31.02
C ALA A 414 8.83 -8.67 -30.00
N GLY A 415 9.45 -7.59 -30.45
CA GLY A 415 10.23 -6.71 -29.57
C GLY A 415 9.83 -5.25 -29.61
N PRO A 419 9.84 0.88 -25.48
CA PRO A 419 9.14 -0.08 -26.34
C PRO A 419 8.95 -1.45 -25.69
N MET A 420 9.09 -1.54 -24.36
CA MET A 420 8.65 -2.73 -23.66
C MET A 420 7.91 -2.42 -22.35
N ALA A 421 7.55 -1.14 -22.11
CA ALA A 421 6.41 -0.78 -21.26
C ALA A 421 5.11 -1.01 -22.04
N THR A 422 5.16 -2.05 -22.87
CA THR A 422 4.10 -2.44 -23.78
C THR A 422 3.58 -3.80 -23.32
N PHE A 423 2.25 -3.93 -23.17
CA PHE A 423 1.77 -5.13 -22.48
C PHE A 423 1.44 -6.24 -23.48
N PRO A 424 1.88 -7.47 -23.22
CA PRO A 424 1.67 -8.54 -24.20
C PRO A 424 0.30 -9.17 -24.07
N VAL A 425 -0.69 -8.59 -24.72
CA VAL A 425 -2.03 -9.20 -24.81
C VAL A 425 -1.96 -10.42 -25.73
N PRO A 426 -2.38 -11.61 -25.30
CA PRO A 426 -2.09 -12.83 -26.05
C PRO A 426 -3.10 -13.18 -27.13
N TYR A 427 -4.16 -12.39 -27.33
CA TYR A 427 -5.10 -12.65 -28.40
C TYR A 427 -5.42 -11.33 -29.11
N ASP A 428 -6.13 -11.45 -30.23
CA ASP A 428 -6.27 -10.35 -31.17
C ASP A 428 -7.31 -9.36 -30.72
N LEU A 429 -7.03 -8.08 -30.97
CA LEU A 429 -7.99 -7.00 -30.78
C LEU A 429 -8.23 -6.26 -32.10
N PRO A 430 -9.45 -5.78 -32.33
CA PRO A 430 -10.65 -5.95 -31.51
C PRO A 430 -11.17 -7.37 -31.61
N PRO A 431 -11.90 -7.84 -30.61
CA PRO A 431 -12.52 -9.16 -30.74
C PRO A 431 -13.59 -9.16 -31.81
N GLU A 432 -13.73 -10.33 -32.46
CA GLU A 432 -14.65 -10.49 -33.57
C GLU A 432 -15.93 -11.15 -33.10
N LEU A 433 -17.06 -10.47 -33.34
CA LEU A 433 -18.36 -11.02 -32.96
C LEU A 433 -18.64 -12.33 -33.69
N TYR A 434 -19.31 -13.27 -32.99
CA TYR A 434 -19.82 -14.46 -33.68
C TYR A 434 -20.60 -14.07 -34.93
N GLY A 435 -20.47 -14.87 -35.96
CA GLY A 435 -21.36 -14.75 -37.10
C GLY A 435 -22.72 -15.37 -36.84
N SER A 436 -23.66 -15.12 -37.76
CA SER A 436 -25.02 -15.65 -37.58
C SER A 436 -25.05 -17.17 -37.53
N LYS A 437 -24.09 -17.85 -38.14
CA LYS A 437 -24.06 -19.31 -38.10
C LYS A 437 -23.22 -19.86 -36.96
N ASP A 438 -22.53 -19.00 -36.23
CA ASP A 438 -21.73 -19.50 -35.11
C ASP A 438 -22.63 -19.78 -33.91
N ARG A 439 -22.17 -20.70 -33.07
CA ARG A 439 -22.81 -21.03 -31.80
C ARG A 439 -21.72 -21.18 -30.76
N PRO A 440 -22.01 -20.91 -29.50
CA PRO A 440 -21.02 -21.18 -28.45
C PRO A 440 -20.74 -22.67 -28.35
N TRP A 441 -19.49 -23.01 -28.06
CA TRP A 441 -19.21 -24.41 -27.77
C TRP A 441 -20.02 -24.86 -26.55
N ILE A 442 -20.82 -25.91 -26.74
CA ILE A 442 -21.61 -26.51 -25.68
C ILE A 442 -21.20 -27.98 -25.65
N TRP A 443 -20.71 -28.45 -24.49
CA TRP A 443 -19.95 -29.70 -24.56
C TRP A 443 -20.80 -30.96 -24.56
N ASN A 444 -22.06 -30.89 -24.12
CA ASN A 444 -22.82 -32.13 -23.96
C ASN A 444 -23.93 -32.26 -25.00
N ILE A 445 -23.69 -31.78 -26.22
CA ILE A 445 -24.56 -32.08 -27.35
C ILE A 445 -23.68 -32.52 -28.51
N PRO A 446 -24.17 -33.31 -29.45
CA PRO A 446 -23.30 -33.83 -30.51
C PRO A 446 -23.09 -32.84 -31.64
N TYR A 447 -21.93 -32.97 -32.29
CA TYR A 447 -21.59 -32.23 -33.51
C TYR A 447 -21.18 -33.25 -34.56
N VAL A 448 -22.04 -33.45 -35.57
CA VAL A 448 -21.83 -34.54 -36.51
C VAL A 448 -21.96 -34.03 -37.94
N LYS A 449 -21.96 -32.71 -38.10
CA LYS A 449 -22.13 -32.09 -39.41
C LYS A 449 -20.82 -31.99 -40.19
N ALA A 450 -19.69 -31.78 -39.49
CA ALA A 450 -18.40 -31.65 -40.13
C ALA A 450 -17.33 -32.19 -39.18
N PRO A 451 -16.35 -32.91 -39.69
CA PRO A 451 -15.34 -33.54 -38.83
C PRO A 451 -14.27 -32.55 -38.39
N ASP A 452 -13.54 -32.93 -37.34
CA ASP A 452 -12.50 -32.07 -36.78
C ASP A 452 -11.16 -32.37 -37.46
N THR A 453 -10.10 -31.73 -36.95
CA THR A 453 -8.77 -31.83 -37.55
C THR A 453 -8.18 -33.22 -37.44
N HIS A 454 -8.80 -34.10 -36.67
CA HIS A 454 -8.34 -35.49 -36.58
C HIS A 454 -9.25 -36.45 -37.30
N GLY A 455 -10.27 -35.94 -37.97
CA GLY A 455 -11.18 -36.76 -38.74
C GLY A 455 -12.42 -37.24 -38.02
N ASN A 456 -12.73 -36.70 -36.85
CA ASN A 456 -13.74 -37.27 -35.96
C ASN A 456 -14.92 -36.33 -35.74
N MET A 457 -16.03 -36.92 -35.29
CA MET A 457 -17.17 -36.15 -34.84
C MET A 457 -17.15 -36.10 -33.31
N TRP A 458 -18.17 -35.46 -32.74
CA TRP A 458 -18.29 -35.33 -31.29
C TRP A 458 -19.64 -35.88 -30.90
N VAL A 459 -19.64 -36.98 -30.14
CA VAL A 459 -20.86 -37.68 -29.72
C VAL A 459 -20.75 -37.97 -28.23
N PRO A 460 -21.19 -37.05 -27.36
CA PRO A 460 -21.06 -37.14 -25.90
C PRO A 460 -21.71 -38.38 -25.31
N ASN B 15 20.25 1.12 13.46
CA ASN B 15 18.82 1.25 13.68
C ASN B 15 18.06 1.36 12.37
N PRO B 16 16.84 0.83 12.33
CA PRO B 16 15.99 1.05 11.16
C PRO B 16 15.20 2.33 11.23
N PHE B 17 15.20 3.02 12.38
CA PHE B 17 14.16 4.00 12.49
C PHE B 17 14.58 5.36 11.95
N GLN B 18 15.86 5.71 12.04
CA GLN B 18 16.33 7.02 11.53
C GLN B 18 15.55 8.19 12.14
N PHE B 19 15.28 8.07 13.43
CA PHE B 19 14.67 9.11 14.23
C PHE B 19 15.76 9.67 15.12
N TYR B 20 15.96 10.98 15.03
CA TYR B 20 17.05 11.68 15.70
C TYR B 20 16.53 12.85 16.52
N LEU B 21 17.27 13.19 17.58
CA LEU B 21 17.10 14.50 18.21
C LEU B 21 18.14 15.48 17.72
N THR B 22 17.81 16.77 17.83
CA THR B 22 18.81 17.79 17.55
C THR B 22 19.84 17.86 18.68
N ARG B 23 21.02 18.33 18.32
CA ARG B 23 22.04 18.60 19.32
C ARG B 23 21.60 19.68 20.31
N VAL B 24 21.96 19.49 21.58
CA VAL B 24 21.67 20.46 22.64
C VAL B 24 22.98 20.99 23.22
N SER B 25 23.20 22.29 23.12
CA SER B 25 24.32 22.93 23.80
C SER B 25 24.10 22.95 25.31
N GLY B 26 25.09 22.50 26.06
CA GLY B 26 25.02 22.58 27.50
C GLY B 26 24.64 21.31 28.20
N VAL B 27 24.52 20.19 27.47
CA VAL B 27 24.43 18.88 28.08
C VAL B 27 25.75 18.14 27.82
N LYS B 28 26.00 17.11 28.65
CA LYS B 28 27.20 16.30 28.49
C LYS B 28 27.29 15.74 27.08
N PRO B 29 28.50 15.57 26.56
CA PRO B 29 28.65 15.03 25.19
C PRO B 29 27.95 13.70 24.95
N LYS B 30 27.81 12.85 25.98
CA LYS B 30 27.18 11.55 25.78
C LYS B 30 25.74 11.70 25.31
N TYR B 31 25.09 12.81 25.68
CA TYR B 31 23.71 13.08 25.29
C TYR B 31 23.60 13.73 23.94
N ASN B 32 24.70 13.94 23.23
CA ASN B 32 24.67 14.41 21.86
C ASN B 32 25.27 13.38 20.91
N SER B 33 25.67 12.22 21.42
CA SER B 33 26.36 11.23 20.61
C SER B 33 25.57 10.88 19.36
N GLY B 34 24.30 10.52 19.51
CA GLY B 34 23.56 10.25 18.29
C GLY B 34 22.73 11.39 17.73
N ALA B 35 22.97 12.62 18.15
CA ALA B 35 22.13 13.76 17.80
C ALA B 35 22.68 14.48 16.57
N LEU B 36 21.81 15.26 15.91
CA LEU B 36 22.19 15.91 14.67
C LEU B 36 21.97 17.39 14.77
N HIS B 37 22.96 18.17 14.34
CA HIS B 37 22.77 19.59 14.12
C HIS B 37 22.41 19.79 12.66
N ILE B 38 21.88 20.97 12.35
CA ILE B 38 21.50 21.23 10.96
C ILE B 38 22.72 21.15 10.05
N LYS B 39 23.88 21.60 10.53
CA LYS B 39 25.11 21.50 9.72
C LYS B 39 25.45 20.06 9.38
N ASP B 40 25.10 19.11 10.27
CA ASP B 40 25.33 17.70 9.99
C ASP B 40 24.40 17.23 8.87
N ILE B 41 23.15 17.65 8.92
CA ILE B 41 22.18 17.21 7.91
C ILE B 41 22.61 17.66 6.53
N LEU B 42 23.18 18.87 6.43
CA LEU B 42 23.54 19.47 5.16
C LEU B 42 24.98 19.19 4.76
N SER B 43 25.70 18.38 5.53
N SER B 43 25.73 18.43 5.55
CA SER B 43 27.11 18.13 5.27
CA SER B 43 27.13 18.23 5.26
C SER B 43 27.29 17.42 3.94
C SER B 43 27.30 17.44 3.96
N PRO B 44 28.44 17.59 3.28
N PRO B 44 28.44 17.61 3.28
CA PRO B 44 28.70 16.84 2.04
CA PRO B 44 28.66 16.83 2.04
C PRO B 44 28.73 15.34 2.27
C PRO B 44 28.71 15.34 2.27
N LEU B 45 28.89 14.90 3.52
CA LEU B 45 28.85 13.47 3.83
C LEU B 45 27.49 12.87 3.57
N PHE B 46 26.42 13.67 3.58
CA PHE B 46 25.09 13.18 3.29
C PHE B 46 24.73 13.23 1.82
N GLY B 47 25.51 13.93 1.00
CA GLY B 47 25.31 13.98 -0.44
C GLY B 47 25.88 15.26 -1.02
N THR B 48 26.12 15.23 -2.34
CA THR B 48 26.66 16.37 -3.07
C THR B 48 25.48 17.19 -3.56
N LEU B 49 25.16 18.24 -2.82
CA LEU B 49 23.92 18.97 -3.01
C LEU B 49 23.87 19.72 -4.35
N VAL B 50 22.75 19.55 -5.03
N VAL B 50 22.72 19.71 -5.01
CA VAL B 50 22.43 20.24 -6.27
CA VAL B 50 22.56 20.59 -6.16
C VAL B 50 21.46 21.40 -6.03
C VAL B 50 21.35 21.51 -6.06
N SER B 51 20.44 21.17 -5.20
N SER B 51 20.37 21.21 -5.21
CA SER B 51 19.44 22.16 -4.85
CA SER B 51 19.22 22.07 -4.99
C SER B 51 18.68 21.67 -3.62
C SER B 51 18.55 21.63 -3.71
N SER B 52 17.89 22.57 -3.01
CA SER B 52 17.13 22.20 -1.84
C SER B 52 15.87 23.03 -1.71
N ALA B 53 14.90 22.49 -0.98
CA ALA B 53 13.70 23.19 -0.57
C ALA B 53 13.58 23.15 0.95
N GLN B 54 13.31 24.29 1.56
CA GLN B 54 13.13 24.38 3.01
C GLN B 54 11.71 24.81 3.29
N PHE B 55 10.89 23.87 3.74
CA PHE B 55 9.53 24.13 4.20
C PHE B 55 9.61 24.53 5.66
N ASN B 56 9.07 25.70 6.03
CA ASN B 56 9.07 25.99 7.45
C ASN B 56 8.06 27.08 7.77
N TYR B 57 8.01 27.46 9.05
CA TYR B 57 7.20 28.57 9.50
C TYR B 57 8.05 29.83 9.64
N CYS B 58 9.15 29.77 10.37
N CYS B 58 9.16 29.76 10.40
CA CYS B 58 10.00 30.93 10.67
CA CYS B 58 10.06 30.86 10.70
C CYS B 58 11.40 30.68 10.12
C CYS B 58 11.41 30.64 10.05
N PHE B 59 11.96 31.70 9.47
CA PHE B 59 13.29 31.66 8.85
C PHE B 59 14.14 32.82 9.31
N ASP B 60 15.40 32.52 9.61
CA ASP B 60 16.47 33.52 9.68
C ASP B 60 17.39 33.19 8.53
N VAL B 61 17.27 33.94 7.44
CA VAL B 61 17.91 33.54 6.19
C VAL B 61 19.43 33.66 6.29
N ASP B 62 19.93 34.74 6.91
CA ASP B 62 21.38 34.85 7.09
C ASP B 62 21.93 33.64 7.83
N TRP B 63 21.25 33.23 8.90
CA TRP B 63 21.70 32.06 9.66
C TRP B 63 21.59 30.82 8.81
N LEU B 64 20.48 30.68 8.09
CA LEU B 64 20.22 29.46 7.35
C LEU B 64 21.31 29.22 6.33
N VAL B 65 21.67 30.25 5.57
CA VAL B 65 22.67 30.09 4.52
C VAL B 65 24.01 29.67 5.13
N LYS B 66 24.33 30.20 6.31
CA LYS B 66 25.57 29.78 6.97
C LYS B 66 25.54 28.32 7.44
N GLN B 67 24.38 27.65 7.49
CA GLN B 67 24.38 26.25 7.90
C GLN B 67 24.69 25.31 6.73
N TYR B 68 24.61 25.80 5.51
CA TYR B 68 25.04 25.01 4.38
C TYR B 68 26.57 25.03 4.30
N PRO B 69 27.20 23.93 3.89
CA PRO B 69 28.65 23.95 3.64
C PRO B 69 29.00 25.06 2.67
N PRO B 70 30.15 25.72 2.84
CA PRO B 70 30.51 26.80 1.91
C PRO B 70 30.41 26.39 0.46
N GLU B 71 30.82 25.16 0.12
CA GLU B 71 30.78 24.71 -1.26
C GLU B 71 29.35 24.57 -1.81
N PHE B 72 28.34 24.44 -0.94
CA PHE B 72 26.96 24.33 -1.40
C PHE B 72 26.16 25.62 -1.22
N ARG B 73 26.77 26.70 -0.74
CA ARG B 73 26.00 27.87 -0.35
C ARG B 73 25.41 28.65 -1.52
N LYS B 74 25.86 28.43 -2.75
CA LYS B 74 25.30 29.09 -3.91
C LYS B 74 24.24 28.26 -4.65
N LYS B 75 24.01 27.02 -4.24
CA LYS B 75 23.00 26.21 -4.92
C LYS B 75 21.61 26.77 -4.67
N PRO B 76 20.68 26.56 -5.59
CA PRO B 76 19.33 27.08 -5.42
C PRO B 76 18.68 26.56 -4.14
N ILE B 77 18.02 27.48 -3.43
CA ILE B 77 17.22 27.17 -2.25
C ILE B 77 15.83 27.74 -2.46
N LEU B 78 14.80 26.95 -2.23
CA LEU B 78 13.41 27.39 -2.24
C LEU B 78 12.91 27.43 -0.80
N LEU B 79 12.45 28.60 -0.36
CA LEU B 79 11.85 28.72 0.96
C LEU B 79 10.34 28.64 0.81
N VAL B 80 9.71 27.65 1.45
CA VAL B 80 8.27 27.49 1.37
C VAL B 80 7.69 27.96 2.70
N HIS B 81 6.86 29.01 2.66
CA HIS B 81 6.44 29.72 3.87
C HIS B 81 4.98 30.10 3.75
N GLY B 82 4.41 30.68 4.81
CA GLY B 82 3.03 31.15 4.73
C GLY B 82 2.79 32.61 5.02
N ASP B 83 3.85 33.42 5.00
CA ASP B 83 3.76 34.80 5.44
C ASP B 83 2.96 35.65 4.45
N LYS B 84 2.26 36.67 4.99
CA LYS B 84 1.46 37.60 4.21
C LYS B 84 1.86 39.03 4.53
N ARG B 85 1.49 39.93 3.64
CA ARG B 85 1.51 41.39 3.91
C ARG B 85 2.91 41.82 4.36
N GLU B 86 3.05 42.54 5.49
CA GLU B 86 4.37 43.03 5.91
C GLU B 86 5.32 41.91 6.29
N ALA B 87 4.80 40.81 6.88
CA ALA B 87 5.64 39.67 7.19
C ALA B 87 6.27 39.08 5.93
N LYS B 88 5.47 38.98 4.86
CA LYS B 88 5.98 38.50 3.58
C LYS B 88 7.05 39.41 3.00
N ALA B 89 6.82 40.73 3.08
CA ALA B 89 7.82 41.68 2.59
C ALA B 89 9.12 41.55 3.38
N HIS B 90 9.03 41.32 4.70
CA HIS B 90 10.24 41.16 5.49
C HIS B 90 11.02 39.93 5.08
N LEU B 91 10.31 38.81 4.81
CA LEU B 91 11.01 37.60 4.40
C LEU B 91 11.69 37.79 3.05
N HIS B 92 11.02 38.43 2.10
CA HIS B 92 11.67 38.76 0.83
C HIS B 92 12.89 39.64 1.03
N ALA B 93 12.83 40.60 1.96
CA ALA B 93 13.98 41.45 2.22
C ALA B 93 15.14 40.65 2.80
N GLN B 94 14.84 39.66 3.66
CA GLN B 94 15.87 38.77 4.19
C GLN B 94 16.58 38.01 3.06
N ALA B 95 15.83 37.55 2.08
CA ALA B 95 16.40 36.72 1.04
C ALA B 95 17.04 37.49 -0.10
N LYS B 96 16.71 38.79 -0.25
CA LYS B 96 17.19 39.57 -1.38
C LYS B 96 18.70 39.49 -1.64
N PRO B 97 19.58 39.50 -0.63
CA PRO B 97 21.03 39.42 -0.92
C PRO B 97 21.49 38.12 -1.55
N TYR B 98 20.70 37.05 -1.48
CA TYR B 98 21.08 35.73 -1.99
C TYR B 98 20.26 35.45 -3.24
N GLU B 99 20.91 35.64 -4.41
CA GLU B 99 20.21 35.52 -5.68
C GLU B 99 19.84 34.08 -5.98
N ASN B 100 20.38 33.12 -5.23
CA ASN B 100 20.02 31.72 -5.40
C ASN B 100 18.77 31.34 -4.63
N ILE B 101 18.22 32.23 -3.83
CA ILE B 101 17.07 31.91 -3.01
C ILE B 101 15.80 32.37 -3.70
N SER B 102 14.88 31.42 -3.92
CA SER B 102 13.52 31.69 -4.35
C SER B 102 12.56 31.40 -3.23
N LEU B 103 11.36 31.98 -3.35
CA LEU B 103 10.34 31.86 -2.31
C LEU B 103 9.02 31.36 -2.89
N CYS B 104 8.31 30.58 -2.06
CA CYS B 104 6.98 30.09 -2.39
C CYS B 104 6.05 30.37 -1.22
N GLN B 105 5.04 31.20 -1.44
CA GLN B 105 4.05 31.52 -0.41
C GLN B 105 2.89 30.54 -0.49
N ALA B 106 2.81 29.65 0.49
CA ALA B 106 1.69 28.72 0.57
C ALA B 106 0.39 29.45 0.84
N LYS B 107 -0.65 29.09 0.08
CA LYS B 107 -1.95 29.72 0.23
C LYS B 107 -2.55 29.33 1.58
N LEU B 108 -3.03 30.35 2.33
CA LEU B 108 -3.69 30.14 3.61
C LEU B 108 -5.03 30.86 3.54
N ASP B 109 -6.02 30.21 2.96
CA ASP B 109 -7.27 30.89 2.69
C ASP B 109 -8.30 30.71 3.81
N ILE B 110 -7.99 29.95 4.85
CA ILE B 110 -8.82 29.89 6.04
C ILE B 110 -8.14 30.72 7.12
N ALA B 111 -8.93 31.55 7.80
CA ALA B 111 -8.36 32.49 8.77
C ALA B 111 -7.64 31.74 9.89
N PHE B 112 -6.54 32.34 10.35
CA PHE B 112 -5.74 31.83 11.47
C PHE B 112 -5.00 30.54 11.15
N GLY B 113 -4.85 30.19 9.87
CA GLY B 113 -4.02 29.06 9.52
C GLY B 113 -2.55 29.44 9.48
N THR B 114 -1.69 28.45 9.59
N THR B 114 -1.70 28.40 9.50
CA THR B 114 -0.27 28.69 9.43
CA THR B 114 -0.26 28.51 9.61
C THR B 114 0.31 27.67 8.48
C THR B 114 0.42 27.55 8.65
N HIS B 115 1.47 28.01 7.95
CA HIS B 115 2.27 27.05 7.21
C HIS B 115 3.29 26.52 8.19
N HIS B 116 2.96 25.39 8.82
CA HIS B 116 3.72 24.96 9.96
C HIS B 116 4.65 23.79 9.66
N THR B 117 4.42 23.08 8.54
CA THR B 117 5.28 21.98 8.12
C THR B 117 6.76 22.34 8.14
N LYS B 118 7.58 21.42 8.66
CA LYS B 118 9.04 21.54 8.69
C LYS B 118 9.62 20.37 7.90
N MET B 119 10.08 20.69 6.69
CA MET B 119 10.56 19.63 5.81
C MET B 119 11.73 20.16 4.99
N MET B 120 12.73 19.31 4.74
CA MET B 120 13.76 19.63 3.77
C MET B 120 13.66 18.64 2.62
N LEU B 121 13.75 19.16 1.40
CA LEU B 121 13.94 18.30 0.21
C LEU B 121 15.35 18.59 -0.29
N LEU B 122 16.17 17.56 -0.36
CA LEU B 122 17.60 17.74 -0.63
C LEU B 122 17.93 16.91 -1.88
N LEU B 123 18.18 17.60 -2.99
CA LEU B 123 18.53 16.94 -4.25
C LEU B 123 20.05 16.91 -4.37
N TYR B 124 20.60 15.72 -4.57
CA TYR B 124 22.04 15.50 -4.71
C TYR B 124 22.38 14.95 -6.09
N GLU B 125 23.68 15.00 -6.40
CA GLU B 125 24.16 14.27 -7.58
C GLU B 125 23.89 12.78 -7.45
N GLU B 126 23.86 12.26 -6.23
CA GLU B 126 23.72 10.83 -5.99
C GLU B 126 22.28 10.39 -5.76
N GLY B 127 21.34 11.30 -5.64
CA GLY B 127 19.98 10.90 -5.32
C GLY B 127 19.23 12.03 -4.64
N LEU B 128 18.24 11.64 -3.83
CA LEU B 128 17.32 12.58 -3.19
C LEU B 128 17.16 12.17 -1.74
N ARG B 129 17.10 13.14 -0.82
CA ARG B 129 16.74 12.86 0.56
C ARG B 129 15.59 13.78 1.00
N VAL B 130 14.72 13.23 1.85
CA VAL B 130 13.63 13.96 2.47
C VAL B 130 13.89 14.00 3.96
N VAL B 131 13.76 15.18 4.57
CA VAL B 131 13.91 15.33 6.02
C VAL B 131 12.63 15.92 6.57
N ILE B 132 11.98 15.24 7.51
CA ILE B 132 10.78 15.80 8.12
C ILE B 132 11.09 15.99 9.60
N HIS B 133 10.88 17.19 10.10
CA HIS B 133 11.45 17.50 11.43
C HIS B 133 10.55 18.50 12.13
N THR B 134 11.02 19.07 13.25
CA THR B 134 10.15 19.91 14.08
C THR B 134 10.71 21.31 14.32
N SER B 135 11.88 21.67 13.75
CA SER B 135 12.55 22.92 14.14
C SER B 135 12.28 24.05 13.16
N ASN B 136 12.04 25.25 13.68
CA ASN B 136 12.11 26.45 12.84
C ASN B 136 13.54 26.64 12.36
N LEU B 137 13.70 27.45 11.31
CA LEU B 137 15.04 27.67 10.76
C LEU B 137 15.66 28.95 11.34
N ILE B 138 15.81 28.91 12.67
CA ILE B 138 16.43 29.99 13.43
C ILE B 138 17.37 29.35 14.46
N HIS B 139 18.36 30.13 14.89
CA HIS B 139 19.39 29.62 15.78
C HIS B 139 18.79 29.01 17.04
N ALA B 140 17.82 29.71 17.64
CA ALA B 140 17.32 29.27 18.93
C ALA B 140 16.70 27.88 18.88
N ASP B 141 16.11 27.51 17.73
CA ASP B 141 15.43 26.22 17.69
C ASP B 141 16.40 25.06 17.66
N TRP B 142 17.65 25.29 17.31
CA TRP B 142 18.62 24.19 17.25
C TRP B 142 19.66 24.29 18.36
N HIS B 143 19.46 25.16 19.34
CA HIS B 143 20.44 25.41 20.37
C HIS B 143 20.17 24.61 21.65
N GLN B 144 19.09 24.93 22.40
CA GLN B 144 18.87 24.25 23.67
C GLN B 144 17.47 23.66 23.79
N LYS B 145 16.86 23.27 22.68
CA LYS B 145 15.54 22.65 22.70
C LYS B 145 15.60 21.17 22.39
N THR B 146 14.56 20.46 22.80
CA THR B 146 14.34 19.08 22.32
C THR B 146 13.54 19.15 21.02
N GLN B 147 14.16 18.73 19.94
CA GLN B 147 13.51 18.69 18.63
C GLN B 147 13.70 17.29 18.03
N GLY B 148 12.82 16.92 17.12
CA GLY B 148 12.90 15.63 16.44
C GLY B 148 13.14 15.74 14.95
N ILE B 149 13.78 14.71 14.38
CA ILE B 149 14.19 14.65 12.97
C ILE B 149 13.94 13.24 12.48
N TRP B 150 13.29 13.10 11.32
CA TRP B 150 13.27 11.85 10.57
C TRP B 150 14.08 12.05 9.31
N LEU B 151 15.06 11.17 9.08
CA LEU B 151 15.90 11.20 7.88
C LEU B 151 15.51 10.07 6.95
N SER B 152 15.10 10.42 5.73
CA SER B 152 14.83 9.39 4.74
C SER B 152 16.14 8.70 4.32
N PRO B 153 16.04 7.53 3.67
CA PRO B 153 17.19 6.96 3.00
C PRO B 153 17.64 7.88 1.87
N LEU B 154 18.86 7.65 1.38
CA LEU B 154 19.24 8.22 0.09
C LEU B 154 18.46 7.51 -1.00
N TYR B 155 17.57 8.24 -1.66
CA TYR B 155 16.75 7.66 -2.72
C TYR B 155 17.50 7.75 -4.05
N PRO B 156 17.79 6.63 -4.73
CA PRO B 156 18.50 6.72 -6.01
C PRO B 156 17.56 7.12 -7.13
N ARG B 157 18.14 7.67 -8.19
CA ARG B 157 17.37 7.99 -9.38
C ARG B 157 16.92 6.72 -10.09
N ILE B 158 15.71 6.74 -10.64
CA ILE B 158 15.25 5.63 -11.47
C ILE B 158 16.00 5.67 -12.79
N ALA B 159 16.53 4.51 -13.19
CA ALA B 159 17.42 4.34 -14.34
C ALA B 159 16.96 5.07 -15.60
N GLY B 161 15.38 5.51 -19.05
CA GLY B 161 14.30 4.94 -19.84
C GLY B 161 13.51 3.84 -19.13
N THR B 162 13.74 3.69 -17.83
CA THR B 162 13.11 2.66 -17.03
C THR B 162 11.75 3.12 -16.52
N HIS B 163 10.75 2.24 -16.61
CA HIS B 163 9.40 2.48 -16.09
C HIS B 163 9.20 1.62 -14.85
N LYS B 164 9.32 2.24 -13.68
CA LYS B 164 8.97 1.59 -12.42
C LYS B 164 8.34 2.63 -11.54
N SER B 165 7.59 2.16 -10.53
CA SER B 165 6.88 3.12 -9.70
C SER B 165 7.82 3.84 -8.72
N GLY B 166 8.85 3.17 -8.23
CA GLY B 166 9.61 3.70 -7.14
C GLY B 166 8.84 3.86 -5.84
N GLU B 167 7.73 3.14 -5.69
CA GLU B 167 6.84 3.32 -4.56
C GLU B 167 7.19 2.36 -3.42
N SER B 168 6.93 2.79 -2.20
CA SER B 168 7.20 1.98 -1.01
C SER B 168 5.95 1.26 -0.55
N PRO B 169 6.09 0.24 0.29
CA PRO B 169 4.89 -0.43 0.80
C PRO B 169 4.01 0.50 1.64
N THR B 170 4.55 1.64 2.10
CA THR B 170 3.74 2.58 2.88
C THR B 170 3.11 3.65 2.00
N HIS B 171 3.28 3.58 0.68
CA HIS B 171 2.71 4.55 -0.28
C HIS B 171 3.28 5.95 -0.10
N PHE B 172 4.49 6.06 0.47
CA PHE B 172 5.05 7.36 0.82
C PHE B 172 5.28 8.24 -0.40
N LYS B 173 5.70 7.66 -1.53
CA LYS B 173 6.02 8.50 -2.67
C LYS B 173 4.77 9.19 -3.19
N ALA B 174 3.72 8.41 -3.45
CA ALA B 174 2.45 9.01 -3.87
C ALA B 174 1.92 9.97 -2.82
N ASP B 175 2.04 9.61 -1.55
CA ASP B 175 1.46 10.46 -0.52
C ASP B 175 2.20 11.79 -0.37
N LEU B 176 3.53 11.76 -0.49
CA LEU B 176 4.30 13.01 -0.49
C LEU B 176 3.94 13.87 -1.70
N ILE B 177 3.79 13.25 -2.87
CA ILE B 177 3.38 14.02 -4.04
C ILE B 177 2.00 14.62 -3.82
N SER B 178 1.07 13.83 -3.25
N SER B 178 1.07 13.84 -3.24
CA SER B 178 -0.27 14.36 -2.94
CA SER B 178 -0.26 14.38 -2.96
C SER B 178 -0.19 15.56 -2.01
C SER B 178 -0.20 15.57 -2.01
N TYR B 179 0.66 15.48 -0.99
CA TYR B 179 0.82 16.59 -0.06
C TYR B 179 1.29 17.84 -0.81
N LEU B 180 2.27 17.68 -1.69
CA LEU B 180 2.79 18.84 -2.42
C LEU B 180 1.79 19.37 -3.45
N MET B 181 0.98 18.47 -4.04
N MET B 181 0.98 18.47 -4.04
CA MET B 181 -0.01 18.90 -5.02
CA MET B 181 0.00 18.91 -5.03
C MET B 181 -1.03 19.85 -4.41
C MET B 181 -1.03 19.85 -4.41
N ALA B 182 -1.32 19.68 -3.12
CA ALA B 182 -2.31 20.53 -2.47
C ALA B 182 -1.91 22.00 -2.43
N TYR B 183 -0.61 22.31 -2.59
CA TYR B 183 -0.20 23.73 -2.63
C TYR B 183 -0.58 24.43 -3.93
N ASN B 184 -0.77 23.69 -5.03
CA ASN B 184 -1.00 24.28 -6.35
C ASN B 184 0.05 25.35 -6.68
N ALA B 185 1.31 25.01 -6.46
CA ALA B 185 2.41 25.95 -6.60
C ALA B 185 3.37 25.52 -7.71
N PRO B 186 3.71 26.40 -8.65
CA PRO B 186 4.61 25.97 -9.73
C PRO B 186 6.00 25.59 -9.27
N SER B 187 6.56 26.26 -8.25
CA SER B 187 7.86 25.82 -7.77
C SER B 187 7.79 24.43 -7.13
N LEU B 188 6.64 24.03 -6.60
CA LEU B 188 6.53 22.71 -5.99
C LEU B 188 6.20 21.66 -7.02
N LYS B 189 5.53 22.03 -8.13
CA LYS B 189 5.37 21.07 -9.23
C LYS B 189 6.74 20.64 -9.73
N GLU B 190 7.74 21.55 -9.68
CA GLU B 190 9.10 21.15 -10.08
C GLU B 190 9.65 20.11 -9.12
N TRP B 191 9.40 20.25 -7.82
CA TRP B 191 9.89 19.24 -6.88
C TRP B 191 9.12 17.93 -7.01
N ILE B 192 7.82 18.00 -7.37
CA ILE B 192 7.07 16.78 -7.65
C ILE B 192 7.70 16.02 -8.78
N ASP B 193 8.12 16.72 -9.83
CA ASP B 193 8.73 16.04 -10.95
C ASP B 193 10.06 15.41 -10.56
N VAL B 194 10.80 16.08 -9.66
CA VAL B 194 12.03 15.50 -9.10
C VAL B 194 11.71 14.21 -8.37
N ILE B 195 10.72 14.25 -7.47
CA ILE B 195 10.34 13.06 -6.72
C ILE B 195 9.94 11.92 -7.66
N HIS B 196 9.16 12.24 -8.70
CA HIS B 196 8.76 11.20 -9.64
C HIS B 196 9.97 10.44 -10.17
N LYS B 197 11.10 11.12 -10.36
CA LYS B 197 12.26 10.51 -11.01
C LYS B 197 13.08 9.65 -10.04
N HIS B 198 12.74 9.58 -8.75
CA HIS B 198 13.52 8.82 -7.81
C HIS B 198 12.76 7.63 -7.26
N ASP B 199 13.53 6.70 -6.69
CA ASP B 199 13.01 5.44 -6.16
C ASP B 199 12.93 5.58 -4.65
N LEU B 200 11.70 5.70 -4.14
CA LEU B 200 11.47 5.86 -2.71
C LEU B 200 11.03 4.55 -2.03
N SER B 201 11.29 3.42 -2.68
CA SER B 201 10.67 2.18 -2.24
C SER B 201 11.19 1.68 -0.90
N GLU B 202 12.34 2.18 -0.44
N GLU B 202 12.33 2.17 -0.45
CA GLU B 202 12.84 1.74 0.86
CA GLU B 202 12.84 1.72 0.85
C GLU B 202 12.17 2.42 2.04
C GLU B 202 12.14 2.38 2.04
N THR B 203 11.24 3.33 1.79
CA THR B 203 10.65 4.11 2.88
C THR B 203 9.73 3.27 3.72
N ASN B 204 9.95 3.28 5.04
N ASN B 204 9.93 3.25 5.04
CA ASN B 204 9.21 2.41 5.95
CA ASN B 204 9.10 2.42 5.90
C ASN B 204 8.26 3.18 6.88
C ASN B 204 8.38 3.22 6.98
N VAL B 205 8.13 4.49 6.71
CA VAL B 205 7.20 5.33 7.49
C VAL B 205 6.02 5.72 6.60
N TYR B 206 4.89 6.01 7.26
CA TYR B 206 3.71 6.57 6.59
C TYR B 206 3.68 8.07 6.78
N LEU B 207 3.30 8.79 5.72
CA LEU B 207 3.19 10.24 5.81
C LEU B 207 1.85 10.63 6.39
N ILE B 208 1.84 11.59 7.33
CA ILE B 208 0.58 12.13 7.85
C ILE B 208 0.65 13.64 7.74
N GLY B 209 -0.07 14.18 6.76
CA GLY B 209 -0.10 15.61 6.54
C GLY B 209 -1.42 16.27 6.87
N SER B 210 -1.36 17.58 7.11
CA SER B 210 -2.54 18.43 7.05
C SER B 210 -2.33 19.51 6.00
N THR B 211 -3.42 19.91 5.36
N THR B 211 -3.40 19.86 5.29
CA THR B 211 -3.44 21.01 4.41
CA THR B 211 -3.42 21.02 4.42
C THR B 211 -4.76 21.73 4.57
C THR B 211 -4.73 21.73 4.63
N PRO B 212 -4.79 23.05 4.37
CA PRO B 212 -6.02 23.79 4.64
C PRO B 212 -7.15 23.38 3.70
N GLY B 213 -8.34 23.24 4.28
CA GLY B 213 -9.49 22.97 3.45
C GLY B 213 -10.67 22.49 4.26
N ARG B 214 -11.74 22.20 3.54
N ARG B 214 -11.75 22.22 3.54
CA ARG B 214 -12.96 21.62 4.08
CA ARG B 214 -12.96 21.62 4.08
C ARG B 214 -13.21 20.35 3.27
C ARG B 214 -13.19 20.35 3.26
N PHE B 215 -12.87 19.20 3.85
CA PHE B 215 -12.82 17.95 3.13
C PHE B 215 -14.07 17.12 3.38
N GLN B 216 -14.67 16.62 2.30
CA GLN B 216 -15.88 15.82 2.37
C GLN B 216 -15.64 14.45 1.76
N GLY B 217 -16.50 13.51 2.12
CA GLY B 217 -16.46 12.20 1.51
C GLY B 217 -15.17 11.47 1.85
N SER B 218 -14.62 10.80 0.84
CA SER B 218 -13.38 10.05 1.03
C SER B 218 -12.20 10.97 1.33
N GLN B 219 -12.24 12.21 0.84
CA GLN B 219 -11.12 13.12 1.03
C GLN B 219 -10.88 13.43 2.50
N LYS B 220 -11.90 13.25 3.35
CA LYS B 220 -11.69 13.37 4.79
C LYS B 220 -10.53 12.50 5.26
N ASP B 221 -10.39 11.30 4.68
CA ASP B 221 -9.35 10.38 5.13
C ASP B 221 -7.95 10.78 4.66
N ASN B 222 -7.82 11.84 3.87
CA ASN B 222 -6.51 12.21 3.36
C ASN B 222 -5.64 12.93 4.39
N TRP B 223 -6.22 13.58 5.42
CA TRP B 223 -5.48 14.58 6.17
C TRP B 223 -5.78 14.50 7.66
N GLY B 224 -4.86 15.03 8.46
CA GLY B 224 -5.18 15.26 9.85
C GLY B 224 -5.48 14.00 10.62
N HIS B 225 -6.38 14.12 11.60
CA HIS B 225 -6.59 12.99 12.49
C HIS B 225 -7.41 11.90 11.81
N PHE B 226 -8.19 12.23 10.77
CA PHE B 226 -8.81 11.15 10.00
C PHE B 226 -7.80 10.35 9.19
N ARG B 227 -6.71 10.99 8.72
CA ARG B 227 -5.65 10.26 8.05
C ARG B 227 -4.97 9.30 9.02
N LEU B 228 -4.69 9.76 10.24
CA LEU B 228 -4.15 8.87 11.26
C LEU B 228 -5.11 7.72 11.54
N LYS B 229 -6.41 8.02 11.67
CA LYS B 229 -7.39 6.97 11.95
C LYS B 229 -7.42 5.92 10.84
N LYS B 230 -7.36 6.35 9.58
CA LYS B 230 -7.42 5.39 8.47
C LYS B 230 -6.18 4.50 8.47
N LEU B 231 -5.00 5.09 8.72
CA LEU B 231 -3.77 4.31 8.77
C LEU B 231 -3.83 3.28 9.90
N LEU B 232 -4.34 3.67 11.06
CA LEU B 232 -4.43 2.76 12.20
C LEU B 232 -5.43 1.65 11.94
N LYS B 233 -6.52 1.96 11.24
CA LYS B 233 -7.47 0.90 10.94
C LYS B 233 -6.90 -0.05 9.91
N ASP B 234 -6.12 0.45 8.94
CA ASP B 234 -5.70 -0.42 7.84
C ASP B 234 -4.39 -1.16 8.10
N HIS B 235 -3.53 -0.67 8.99
CA HIS B 235 -2.17 -1.20 9.10
C HIS B 235 -1.74 -1.50 10.53
N ALA B 236 -2.66 -1.41 11.48
CA ALA B 236 -2.43 -1.82 12.86
C ALA B 236 -3.48 -2.85 13.23
N SER B 237 -3.19 -3.61 14.27
CA SER B 237 -4.11 -4.63 14.74
C SER B 237 -4.47 -4.31 16.18
N SER B 238 -5.69 -4.67 16.58
CA SER B 238 -6.08 -4.53 17.98
C SER B 238 -5.70 -5.78 18.75
N MET B 239 -5.15 -5.57 19.94
CA MET B 239 -4.67 -6.60 20.84
C MET B 239 -5.66 -6.80 21.97
N PRO B 240 -5.54 -7.90 22.71
CA PRO B 240 -6.38 -8.06 23.91
C PRO B 240 -6.12 -6.92 24.88
N ASN B 241 -7.19 -6.48 25.56
CA ASN B 241 -7.10 -5.42 26.57
C ASN B 241 -6.59 -4.10 25.99
N ALA B 242 -6.99 -3.80 24.74
CA ALA B 242 -6.52 -2.59 24.10
C ALA B 242 -6.95 -1.33 24.84
N GLU B 243 -8.09 -1.38 25.54
CA GLU B 243 -8.54 -0.22 26.31
C GLU B 243 -7.61 0.12 27.47
N SER B 244 -6.68 -0.77 27.80
CA SER B 244 -5.67 -0.52 28.83
C SER B 244 -4.42 0.17 28.29
N TRP B 245 -4.23 0.16 26.97
CA TRP B 245 -3.09 0.83 26.34
C TRP B 245 -3.37 2.32 26.24
N PRO B 246 -2.63 3.16 26.97
CA PRO B 246 -2.88 4.60 26.94
C PRO B 246 -2.57 5.24 25.60
N VAL B 247 -3.06 6.45 25.43
CA VAL B 247 -2.65 7.37 24.38
C VAL B 247 -1.79 8.45 25.04
N VAL B 248 -0.64 8.75 24.44
CA VAL B 248 0.21 9.84 24.91
C VAL B 248 0.33 10.87 23.80
N GLY B 249 0.06 12.14 24.14
CA GLY B 249 0.28 13.27 23.24
C GLY B 249 1.23 14.25 23.88
N GLN B 250 2.15 14.80 23.09
CA GLN B 250 3.23 15.60 23.65
C GLN B 250 3.49 16.73 22.65
N PHE B 251 3.45 17.99 23.09
CA PHE B 251 3.34 19.10 22.15
C PHE B 251 3.87 20.37 22.83
N SER B 252 4.01 21.42 22.02
CA SER B 252 4.57 22.66 22.55
C SER B 252 3.61 23.84 22.44
N SER B 253 2.35 23.60 22.06
CA SER B 253 1.36 24.65 21.95
C SER B 253 -0.02 24.03 22.08
N VAL B 254 -0.96 24.84 22.55
CA VAL B 254 -2.31 24.41 22.85
C VAL B 254 -3.28 25.40 22.22
N GLY B 255 -4.22 24.90 21.43
CA GLY B 255 -5.30 25.72 20.92
C GLY B 255 -6.57 25.62 21.76
N SER B 256 -7.61 26.30 21.26
N SER B 256 -7.60 26.32 21.27
CA SER B 256 -8.91 26.31 21.93
CA SER B 256 -8.91 26.29 21.91
C SER B 256 -9.64 25.01 21.59
C SER B 256 -9.60 24.98 21.56
N LEU B 257 -9.87 24.15 22.57
CA LEU B 257 -10.45 22.83 22.35
C LEU B 257 -11.93 22.74 22.70
N GLY B 258 -12.50 23.77 23.29
CA GLY B 258 -13.91 23.80 23.63
C GLY B 258 -14.14 23.82 25.13
N ALA B 259 -15.42 23.89 25.49
CA ALA B 259 -15.81 24.10 26.88
C ALA B 259 -15.72 22.85 27.74
N ASP B 260 -15.60 21.67 27.13
CA ASP B 260 -15.33 20.46 27.88
C ASP B 260 -14.72 19.44 26.93
N GLU B 261 -14.26 18.33 27.51
CA GLU B 261 -13.53 17.34 26.73
C GLU B 261 -14.38 16.70 25.64
N SER B 262 -15.71 16.70 25.79
CA SER B 262 -16.60 16.08 24.80
C SER B 262 -16.70 16.88 23.51
N LYS B 263 -16.25 18.14 23.48
CA LYS B 263 -16.46 18.94 22.29
C LYS B 263 -15.53 18.53 21.15
N TRP B 264 -14.34 18.03 21.48
CA TRP B 264 -13.38 17.66 20.44
C TRP B 264 -12.32 16.70 20.94
N LEU B 265 -11.76 16.97 22.13
CA LEU B 265 -10.58 16.24 22.57
C LEU B 265 -10.86 14.75 22.73
N CYS B 266 -11.90 14.41 23.49
CA CYS B 266 -12.18 13.01 23.71
C CYS B 266 -13.11 12.44 22.66
N SER B 267 -13.94 13.30 22.04
CA SER B 267 -14.93 12.80 21.09
C SER B 267 -14.30 12.41 19.77
N GLU B 268 -13.58 13.31 19.12
CA GLU B 268 -13.04 12.93 17.82
C GLU B 268 -11.53 12.79 17.79
N PHE B 269 -10.78 13.60 18.53
CA PHE B 269 -9.33 13.47 18.52
C PHE B 269 -8.86 12.17 19.18
N LYS B 270 -9.25 11.96 20.44
CA LYS B 270 -8.91 10.71 21.11
C LYS B 270 -9.48 9.52 20.37
N GLU B 271 -10.67 9.68 19.79
CA GLU B 271 -11.29 8.59 19.06
C GLU B 271 -10.42 8.12 17.90
N SER B 272 -9.91 9.04 17.09
CA SER B 272 -8.99 8.63 16.03
C SER B 272 -7.74 7.98 16.60
N MET B 273 -7.21 8.54 17.70
CA MET B 273 -5.96 8.03 18.26
C MET B 273 -6.10 6.66 18.90
N LEU B 274 -7.30 6.29 19.35
N LEU B 274 -7.29 6.27 19.33
CA LEU B 274 -7.56 4.97 19.92
CA LEU B 274 -7.48 4.95 19.93
C LEU B 274 -7.61 3.88 18.88
C LEU B 274 -7.86 3.87 18.91
N THR B 275 -7.90 4.22 17.63
CA THR B 275 -8.21 3.24 16.61
C THR B 275 -7.08 2.24 16.45
N LEU B 276 -7.44 0.96 16.38
CA LEU B 276 -6.53 -0.11 16.00
C LEU B 276 -7.33 -1.14 15.23
N GLY B 277 -6.94 -1.38 13.99
CA GLY B 277 -7.57 -2.44 13.23
C GLY B 277 -8.94 -2.03 12.70
N LYS B 278 -9.62 -3.00 12.11
CA LYS B 278 -10.81 -2.78 11.31
C LYS B 278 -12.11 -3.08 12.04
N GLU B 279 -12.04 -3.55 13.28
CA GLU B 279 -13.21 -3.80 14.11
C GLU B 279 -13.86 -2.49 14.53
N SER B 280 -15.11 -2.59 14.98
CA SER B 280 -15.84 -1.41 15.43
C SER B 280 -15.52 -1.06 16.88
N SER B 286 -15.43 5.66 26.10
CA SER B 286 -14.13 5.00 26.16
C SER B 286 -13.35 5.36 27.41
N SER B 287 -12.72 4.35 28.02
CA SER B 287 -11.90 4.54 29.20
C SER B 287 -10.41 4.41 28.91
N VAL B 288 -10.01 4.55 27.65
CA VAL B 288 -8.57 4.57 27.39
C VAL B 288 -7.95 5.77 28.06
N PRO B 289 -6.89 5.61 28.85
CA PRO B 289 -6.27 6.76 29.51
C PRO B 289 -5.56 7.66 28.50
N LEU B 290 -5.71 8.97 28.69
CA LEU B 290 -5.08 9.97 27.83
C LEU B 290 -4.10 10.79 28.66
N TYR B 291 -2.82 10.70 28.32
N TYR B 291 -2.84 10.82 28.26
CA TYR B 291 -1.73 11.49 28.91
CA TYR B 291 -1.80 11.53 29.01
C TYR B 291 -1.38 12.62 27.94
C TYR B 291 -1.15 12.57 28.11
N LEU B 292 -1.33 13.84 28.45
CA LEU B 292 -0.84 14.96 27.64
C LEU B 292 0.38 15.55 28.31
N ILE B 293 1.46 15.70 27.56
CA ILE B 293 2.74 16.18 28.10
C ILE B 293 2.98 17.58 27.59
N TYR B 294 3.07 18.54 28.52
CA TYR B 294 3.21 19.95 28.15
C TYR B 294 3.96 20.62 29.31
N PRO B 295 4.98 21.43 29.02
CA PRO B 295 5.80 22.01 30.12
C PRO B 295 5.01 22.86 31.10
N SER B 296 5.25 22.59 32.38
CA SER B 296 4.75 23.46 33.43
C SER B 296 5.60 24.71 33.52
N VAL B 297 5.10 25.68 34.28
CA VAL B 297 5.87 26.90 34.54
C VAL B 297 7.23 26.54 35.15
N GLU B 298 7.24 25.60 36.11
N GLU B 298 7.23 25.63 36.13
CA GLU B 298 8.50 25.24 36.76
CA GLU B 298 8.50 25.25 36.75
C GLU B 298 9.46 24.56 35.79
C GLU B 298 9.45 24.63 35.74
N ASN B 299 8.95 23.76 34.84
CA ASN B 299 9.81 23.19 33.81
C ASN B 299 10.52 24.28 33.01
N VAL B 300 9.76 25.31 32.60
CA VAL B 300 10.33 26.41 31.83
C VAL B 300 11.29 27.22 32.66
N ARG B 301 10.88 27.54 33.90
CA ARG B 301 11.68 28.42 34.74
C ARG B 301 13.09 27.88 34.96
N THR B 302 13.23 26.56 35.15
CA THR B 302 14.52 25.98 35.49
C THR B 302 15.20 25.35 34.26
N SER B 303 14.71 25.66 33.05
CA SER B 303 15.26 25.07 31.83
C SER B 303 16.60 25.71 31.48
N LEU B 304 17.29 25.13 30.49
CA LEU B 304 18.56 25.67 30.03
C LEU B 304 18.42 27.12 29.59
N GLU B 305 17.30 27.45 28.95
CA GLU B 305 17.06 28.79 28.45
C GLU B 305 16.41 29.71 29.48
N GLY B 306 15.79 29.14 30.50
CA GLY B 306 14.98 29.95 31.41
C GLY B 306 13.66 30.33 30.77
N TYR B 307 13.07 31.40 31.30
CA TYR B 307 11.76 31.86 30.81
C TYR B 307 11.72 32.07 29.29
N PRO B 308 12.79 32.54 28.63
CA PRO B 308 12.71 32.68 27.17
C PRO B 308 12.37 31.39 26.41
N ALA B 309 12.55 30.21 27.02
CA ALA B 309 12.06 29.00 26.36
C ALA B 309 10.57 29.10 26.13
N GLY B 310 9.89 29.86 26.99
CA GLY B 310 8.46 30.02 26.87
C GLY B 310 8.03 30.89 25.73
N GLY B 311 8.99 31.59 25.10
CA GLY B 311 8.68 32.28 23.86
C GLY B 311 8.35 31.35 22.72
N SER B 312 8.69 30.07 22.85
CA SER B 312 8.36 29.04 21.88
C SER B 312 7.35 28.04 22.41
N LEU B 313 6.56 28.43 23.40
CA LEU B 313 5.54 27.57 23.99
C LEU B 313 4.25 28.35 24.00
N PRO B 314 3.63 28.57 22.84
CA PRO B 314 2.49 29.49 22.80
C PRO B 314 1.24 28.80 23.31
N TYR B 315 0.75 29.31 24.43
CA TYR B 315 -0.52 28.96 25.04
C TYR B 315 -0.98 30.23 25.70
N SER B 316 -2.10 30.79 25.25
CA SER B 316 -2.50 32.12 25.66
C SER B 316 -3.48 32.04 26.82
N ILE B 317 -3.40 33.01 27.73
CA ILE B 317 -4.30 33.04 28.87
C ILE B 317 -5.75 33.12 28.40
N GLN B 318 -5.98 33.81 27.28
CA GLN B 318 -7.34 33.92 26.77
C GLN B 318 -7.91 32.56 26.44
N THR B 319 -7.06 31.67 25.89
CA THR B 319 -7.47 30.31 25.58
C THR B 319 -7.57 29.48 26.86
N ALA B 320 -6.54 29.53 27.72
CA ALA B 320 -6.46 28.65 28.88
C ALA B 320 -7.64 28.85 29.83
N GLU B 321 -8.05 30.10 30.06
CA GLU B 321 -9.10 30.34 31.05
C GLU B 321 -10.45 29.78 30.61
N LYS B 322 -10.64 29.43 29.34
CA LYS B 322 -11.89 28.83 28.89
C LYS B 322 -11.84 27.30 28.93
N GLN B 323 -10.71 26.73 29.30
CA GLN B 323 -10.59 25.27 29.22
C GLN B 323 -9.74 24.73 30.37
N ASN B 324 -10.01 25.20 31.59
CA ASN B 324 -9.27 24.71 32.74
C ASN B 324 -9.47 23.22 32.96
N TRP B 325 -10.60 22.67 32.50
CA TRP B 325 -10.78 21.22 32.51
C TRP B 325 -9.60 20.49 31.89
N LEU B 326 -8.97 21.09 30.88
CA LEU B 326 -7.92 20.39 30.13
C LEU B 326 -6.70 20.09 30.98
N HIS B 327 -6.43 20.92 31.99
CA HIS B 327 -5.13 20.83 32.64
C HIS B 327 -5.04 19.63 33.57
N SER B 328 -6.16 19.00 33.92
N SER B 328 -6.17 19.01 33.91
CA SER B 328 -6.12 17.76 34.68
CA SER B 328 -6.14 17.76 34.65
C SER B 328 -5.58 16.59 33.85
C SER B 328 -5.51 16.62 33.87
N TYR B 329 -5.35 16.78 32.56
CA TYR B 329 -4.69 15.77 31.72
C TYR B 329 -3.19 15.98 31.61
N PHE B 330 -2.67 17.07 32.18
CA PHE B 330 -1.35 17.54 31.84
C PHE B 330 -0.29 16.90 32.73
N HIS B 331 0.81 16.51 32.08
CA HIS B 331 1.96 15.86 32.69
C HIS B 331 3.22 16.68 32.35
N LYS B 332 4.15 16.71 33.31
CA LYS B 332 5.40 17.45 33.21
C LYS B 332 6.25 16.94 32.07
N TRP B 333 7.10 17.84 31.56
CA TRP B 333 8.18 17.42 30.66
C TRP B 333 9.31 16.81 31.50
N SER B 334 9.69 15.57 31.16
CA SER B 334 10.79 14.88 31.81
C SER B 334 11.49 14.06 30.75
N ALA B 335 12.80 14.17 30.66
CA ALA B 335 13.51 13.43 29.62
C ALA B 335 14.90 13.03 30.11
N GLU B 336 14.94 12.44 31.31
CA GLU B 336 16.21 11.90 31.80
C GLU B 336 16.78 10.88 30.81
N THR B 337 15.91 10.14 30.11
CA THR B 337 16.40 9.12 29.20
C THR B 337 17.34 9.69 28.14
N SER B 338 17.13 10.95 27.73
CA SER B 338 17.94 11.57 26.68
C SER B 338 18.70 12.77 27.24
N GLY B 339 18.77 12.88 28.57
CA GLY B 339 19.47 14.01 29.20
C GLY B 339 18.89 15.36 28.88
N ARG B 340 17.60 15.43 28.57
CA ARG B 340 16.98 16.63 28.02
C ARG B 340 15.85 17.18 28.90
N SER B 341 15.81 16.83 30.20
CA SER B 341 14.77 17.39 31.05
C SER B 341 14.77 18.90 31.07
N ASN B 342 15.93 19.53 30.86
CA ASN B 342 16.01 20.98 30.89
C ASN B 342 16.06 21.61 29.51
N ALA B 343 15.93 20.79 28.45
CA ALA B 343 15.88 21.27 27.06
C ALA B 343 14.41 21.25 26.67
N MET B 344 13.77 22.43 26.70
CA MET B 344 12.32 22.46 26.54
C MET B 344 11.91 21.89 25.19
N PRO B 345 10.77 21.21 25.13
CA PRO B 345 10.37 20.53 23.90
C PRO B 345 9.79 21.51 22.89
N HIS B 346 10.31 21.44 21.67
CA HIS B 346 9.57 21.95 20.51
C HIS B 346 9.20 20.81 19.56
N ILE B 347 9.70 19.60 19.84
CA ILE B 347 9.21 18.38 19.21
C ILE B 347 7.73 18.19 19.54
N LYS B 348 7.01 17.48 18.66
CA LYS B 348 5.66 17.03 18.97
C LYS B 348 5.60 15.56 18.63
N THR B 349 5.07 14.77 19.54
CA THR B 349 4.97 13.32 19.33
C THR B 349 3.65 12.81 19.90
N TYR B 350 3.17 11.72 19.32
CA TYR B 350 1.96 11.03 19.76
C TYR B 350 2.24 9.54 19.66
N MET B 351 1.78 8.76 20.63
CA MET B 351 2.09 7.33 20.59
C MET B 351 1.12 6.55 21.45
N ARG B 352 1.19 5.23 21.33
CA ARG B 352 0.25 4.33 22.00
C ARG B 352 1.02 3.28 22.77
N PRO B 353 1.44 3.58 24.00
CA PRO B 353 2.17 2.58 24.80
C PRO B 353 1.28 1.52 25.42
N SER B 354 1.93 0.42 25.83
CA SER B 354 1.29 -0.66 26.56
C SER B 354 1.02 -0.20 27.99
N PRO B 355 0.22 -0.94 28.77
CA PRO B 355 -0.09 -0.49 30.12
C PRO B 355 1.12 -0.27 31.00
N ASP B 356 2.20 -1.04 30.81
CA ASP B 356 3.41 -0.83 31.61
C ASP B 356 4.45 0.01 30.87
N PHE B 357 4.09 0.64 29.75
CA PHE B 357 4.94 1.54 28.99
C PHE B 357 6.22 0.88 28.49
N SER B 358 6.21 -0.44 28.39
CA SER B 358 7.39 -1.16 27.93
C SER B 358 7.38 -1.35 26.43
N LYS B 359 6.21 -1.22 25.81
CA LYS B 359 6.08 -1.36 24.36
C LYS B 359 5.23 -0.23 23.84
N ILE B 360 5.25 -0.03 22.51
CA ILE B 360 4.33 0.90 21.85
C ILE B 360 3.75 0.28 20.59
N ALA B 361 2.48 0.58 20.36
CA ALA B 361 1.79 0.10 19.15
C ALA B 361 2.08 0.95 17.93
N TRP B 362 2.51 2.21 18.13
CA TRP B 362 2.91 3.11 17.06
C TRP B 362 3.49 4.38 17.66
N PHE B 363 4.20 5.13 16.82
CA PHE B 363 4.81 6.40 17.23
C PHE B 363 4.71 7.36 16.06
N LEU B 364 4.30 8.59 16.33
CA LEU B 364 4.24 9.67 15.34
C LEU B 364 5.10 10.84 15.79
N VAL B 365 5.97 11.34 14.90
CA VAL B 365 6.63 12.64 15.12
C VAL B 365 6.09 13.60 14.08
N THR B 366 5.74 14.83 14.50
CA THR B 366 4.99 15.69 13.60
C THR B 366 5.22 17.13 14.02
N SER B 367 4.80 18.03 13.12
CA SER B 367 4.72 19.45 13.47
C SER B 367 3.46 19.81 14.24
N ALA B 368 2.46 18.92 14.28
CA ALA B 368 1.12 19.27 14.78
C ALA B 368 1.10 19.37 16.31
N ASN B 369 0.73 20.55 16.80
CA ASN B 369 0.49 20.74 18.24
C ASN B 369 -0.93 20.29 18.59
N LEU B 370 -1.35 20.53 19.84
CA LEU B 370 -2.68 20.08 20.28
C LEU B 370 -3.70 21.17 19.91
N SER B 371 -4.18 21.10 18.67
CA SER B 371 -4.98 22.16 18.09
C SER B 371 -5.92 21.61 17.03
N LYS B 372 -7.17 22.11 17.02
CA LYS B 372 -8.09 21.78 15.94
C LYS B 372 -7.58 22.31 14.59
N ALA B 373 -6.82 23.41 14.60
CA ALA B 373 -6.34 23.97 13.34
C ALA B 373 -5.37 23.04 12.66
N ALA B 374 -4.58 22.30 13.45
CA ALA B 374 -3.58 21.38 12.93
C ALA B 374 -4.17 20.02 12.56
N TRP B 375 -5.05 19.49 13.40
CA TRP B 375 -5.53 18.12 13.28
C TRP B 375 -6.85 18.01 12.55
N GLY B 376 -7.64 19.07 12.51
CA GLY B 376 -8.93 19.06 11.88
C GLY B 376 -10.07 18.95 12.88
N ALA B 377 -11.20 19.55 12.54
CA ALA B 377 -12.42 19.50 13.33
C ALA B 377 -13.61 19.32 12.39
N LEU B 378 -14.49 18.37 12.74
CA LEU B 378 -15.65 18.10 11.90
C LEU B 378 -16.64 19.28 11.93
N GLU B 379 -17.27 19.51 10.79
CA GLU B 379 -18.32 20.52 10.65
C GLU B 379 -19.46 19.90 9.85
N LYS B 380 -20.61 20.59 9.90
CA LYS B 380 -21.77 20.25 9.08
C LYS B 380 -22.24 18.83 9.37
N ASN B 381 -22.63 18.62 10.63
CA ASN B 381 -23.13 17.32 11.09
C ASN B 381 -22.17 16.20 10.73
N GLY B 382 -20.88 16.43 10.99
CA GLY B 382 -19.86 15.44 10.79
C GLY B 382 -19.56 15.08 9.35
N THR B 383 -20.06 15.84 8.38
CA THR B 383 -19.81 15.53 6.98
C THR B 383 -18.52 16.15 6.45
N GLN B 384 -17.95 17.13 7.16
CA GLN B 384 -16.88 17.97 6.63
C GLN B 384 -15.78 18.10 7.68
N LEU B 385 -14.53 17.83 7.28
CA LEU B 385 -13.38 18.02 8.15
C LEU B 385 -12.67 19.30 7.75
N MET B 386 -12.63 20.27 8.66
CA MET B 386 -12.02 21.57 8.42
C MET B 386 -10.63 21.59 9.02
N ILE B 387 -9.62 21.89 8.20
CA ILE B 387 -8.24 22.07 8.65
C ILE B 387 -7.77 23.46 8.24
N ARG B 388 -7.07 24.15 9.12
CA ARG B 388 -6.65 25.51 8.80
C ARG B 388 -5.22 25.60 8.28
N SER B 389 -4.37 24.62 8.58
N SER B 389 -4.40 24.59 8.56
CA SER B 389 -2.93 24.82 8.50
CA SER B 389 -2.95 24.75 8.51
C SER B 389 -2.25 23.63 7.84
C SER B 389 -2.33 23.65 7.67
N TYR B 390 -1.08 23.90 7.26
CA TYR B 390 -0.19 22.85 6.78
C TYR B 390 0.60 22.27 7.94
N GLU B 391 0.55 20.95 8.09
CA GLU B 391 1.33 20.22 9.08
C GLU B 391 1.87 18.96 8.42
N LEU B 392 2.94 18.40 8.99
CA LEU B 392 3.46 17.16 8.41
C LEU B 392 4.18 16.35 9.46
N GLY B 393 3.98 15.03 9.40
CA GLY B 393 4.68 14.13 10.30
C GLY B 393 4.83 12.75 9.67
N VAL B 394 5.56 11.88 10.37
CA VAL B 394 5.73 10.52 9.87
C VAL B 394 5.34 9.56 10.98
N LEU B 395 4.68 8.48 10.58
CA LEU B 395 4.15 7.48 11.49
C LEU B 395 4.95 6.19 11.36
N PHE B 396 5.41 5.69 12.50
CA PHE B 396 6.09 4.40 12.64
C PHE B 396 5.07 3.38 13.10
N LEU B 397 4.80 2.37 12.25
CA LEU B 397 3.91 1.26 12.60
C LEU B 397 4.70 -0.03 12.64
N PRO B 398 4.51 -0.86 13.68
CA PRO B 398 5.25 -2.14 13.73
C PRO B 398 5.11 -2.97 12.48
N SER B 399 3.93 -2.99 11.86
CA SER B 399 3.74 -3.81 10.66
C SER B 399 4.70 -3.43 9.52
N ALA B 400 5.08 -2.17 9.44
CA ALA B 400 5.96 -1.71 8.38
C ALA B 400 7.39 -2.18 8.59
N PHE B 401 7.68 -2.73 9.78
CA PHE B 401 8.99 -3.28 10.13
C PHE B 401 8.94 -4.79 10.39
N GLY B 402 7.85 -5.46 10.05
CA GLY B 402 7.71 -6.88 10.30
C GLY B 402 7.57 -7.22 11.77
N LEU B 403 6.94 -6.34 12.55
CA LEU B 403 6.81 -6.50 14.00
C LEU B 403 5.35 -6.34 14.41
N ASP B 404 5.03 -6.92 15.59
CA ASP B 404 3.71 -6.71 16.17
C ASP B 404 3.65 -5.51 17.09
N SER B 405 4.79 -5.12 17.67
CA SER B 405 4.90 -3.92 18.51
C SER B 405 6.37 -3.51 18.52
N PHE B 406 6.64 -2.32 19.03
CA PHE B 406 8.00 -1.88 19.27
C PHE B 406 8.30 -1.96 20.76
N LYS B 407 9.45 -2.50 21.12
N LYS B 407 9.46 -2.50 21.11
CA LYS B 407 9.95 -2.32 22.47
CA LYS B 407 9.97 -2.33 22.48
C LYS B 407 10.43 -0.89 22.65
C LYS B 407 10.46 -0.90 22.66
N VAL B 408 10.24 -0.33 23.84
CA VAL B 408 10.69 1.02 24.14
C VAL B 408 12.14 0.96 24.60
N LYS B 409 13.01 1.71 23.95
CA LYS B 409 14.40 1.82 24.35
C LYS B 409 14.50 2.44 25.74
N GLN B 410 15.12 1.74 26.67
CA GLN B 410 15.01 2.22 28.04
C GLN B 410 15.93 3.41 28.31
N LYS B 411 17.04 3.53 27.59
CA LYS B 411 17.87 4.73 27.63
C LYS B 411 18.16 5.17 26.19
N PHE B 412 17.78 6.41 25.86
CA PHE B 412 17.70 6.87 24.47
C PHE B 412 19.02 6.69 23.72
N PHE B 413 20.16 6.94 24.39
CA PHE B 413 21.46 6.91 23.75
C PHE B 413 22.24 5.64 24.07
N ALA B 414 21.57 4.59 24.50
CA ALA B 414 22.22 3.33 24.85
C ALA B 414 22.15 2.37 23.66
N GLY B 415 22.38 1.09 23.90
CA GLY B 415 22.32 0.08 22.86
C GLY B 415 21.07 -0.79 22.99
N PRO B 419 17.66 -3.81 18.50
CA PRO B 419 17.75 -2.44 17.97
C PRO B 419 16.80 -2.25 16.80
N MET B 420 16.66 -3.28 15.96
CA MET B 420 15.65 -3.23 14.92
C MET B 420 14.23 -3.40 15.46
N ALA B 421 14.09 -3.69 16.75
CA ALA B 421 12.78 -3.87 17.34
C ALA B 421 12.50 -2.89 18.47
N THR B 422 13.44 -1.95 18.72
CA THR B 422 13.48 -1.11 19.93
C THR B 422 13.41 0.38 19.57
N PHE B 423 12.29 1.01 19.89
CA PHE B 423 12.11 2.38 19.40
C PHE B 423 12.65 3.42 20.39
N PRO B 424 13.36 4.45 19.90
CA PRO B 424 14.00 5.43 20.77
C PRO B 424 13.03 6.54 21.17
N VAL B 425 12.21 6.27 22.17
CA VAL B 425 11.31 7.30 22.72
C VAL B 425 12.14 8.35 23.46
N PRO B 426 12.03 9.62 23.13
CA PRO B 426 13.00 10.61 23.64
C PRO B 426 12.70 11.22 25.01
N TYR B 427 11.58 10.87 25.64
CA TYR B 427 11.27 11.38 26.96
C TYR B 427 10.86 10.20 27.84
N ASP B 428 10.70 10.50 29.13
CA ASP B 428 10.53 9.46 30.14
C ASP B 428 9.10 8.94 30.20
N LEU B 429 8.99 7.63 30.47
CA LEU B 429 7.74 6.95 30.70
C LEU B 429 7.82 6.23 32.03
N PRO B 430 6.72 6.16 32.81
CA PRO B 430 5.42 6.79 32.58
C PRO B 430 5.53 8.30 32.72
N PRO B 431 4.67 9.05 32.05
CA PRO B 431 4.62 10.50 32.26
C PRO B 431 4.18 10.82 33.67
N GLU B 432 4.69 11.95 34.18
CA GLU B 432 4.49 12.36 35.57
C GLU B 432 3.44 13.46 35.61
N LEU B 433 2.36 13.22 36.36
CA LEU B 433 1.29 14.20 36.46
C LEU B 433 1.78 15.50 37.09
N TYR B 434 1.28 16.62 36.60
CA TYR B 434 1.47 17.88 37.34
C TYR B 434 1.17 17.72 38.83
N GLY B 435 1.99 18.33 39.67
CA GLY B 435 1.66 18.52 41.07
C GLY B 435 0.57 19.57 41.27
N SER B 436 0.03 19.60 42.50
CA SER B 436 -1.09 20.50 42.76
C SER B 436 -0.71 21.97 42.66
N LYS B 437 0.56 22.30 42.82
CA LYS B 437 1.00 23.68 42.68
C LYS B 437 1.48 24.00 41.28
N ASP B 438 1.60 23.00 40.41
CA ASP B 438 2.06 23.23 39.05
C ASP B 438 0.96 23.88 38.22
N ARG B 439 1.38 24.67 37.22
CA ARG B 439 0.50 25.29 36.26
C ARG B 439 1.10 25.10 34.86
N PRO B 440 0.26 25.06 33.84
CA PRO B 440 0.81 25.00 32.48
C PRO B 440 1.51 26.29 32.15
N TRP B 441 2.60 26.17 31.38
CA TRP B 441 3.21 27.39 30.86
C TRP B 441 2.21 28.15 30.01
N ILE B 442 2.00 29.43 30.35
CA ILE B 442 1.11 30.33 29.63
C ILE B 442 1.96 31.51 29.23
N TRP B 443 2.06 31.78 27.94
CA TRP B 443 3.21 32.56 27.54
C TRP B 443 3.00 34.06 27.65
N ASN B 444 1.75 34.53 27.77
CA ASN B 444 1.48 35.97 27.62
C ASN B 444 1.01 36.58 28.93
N ILE B 445 1.46 36.01 30.05
CA ILE B 445 1.31 36.61 31.37
C ILE B 445 2.70 36.68 32.02
N PRO B 446 2.88 37.58 32.96
CA PRO B 446 4.21 37.71 33.58
C PRO B 446 4.48 36.67 34.65
N TYR B 447 5.76 36.36 34.83
CA TYR B 447 6.24 35.50 35.92
C TYR B 447 7.33 36.31 36.62
N VAL B 448 6.99 36.85 37.78
CA VAL B 448 7.85 37.79 38.51
C VAL B 448 8.09 37.37 39.95
N LYS B 449 7.61 36.21 40.38
CA LYS B 449 7.77 35.83 41.77
C LYS B 449 9.06 35.06 42.03
N ALA B 450 9.61 34.41 41.00
CA ALA B 450 10.80 33.61 41.12
C ALA B 450 11.61 33.84 39.86
N PRO B 451 12.91 34.09 39.97
CA PRO B 451 13.75 34.26 38.79
C PRO B 451 14.02 32.90 38.16
N ASP B 452 14.44 32.95 36.89
CA ASP B 452 14.73 31.72 36.18
C ASP B 452 16.20 31.34 36.31
N THR B 453 16.62 30.34 35.53
CA THR B 453 18.00 29.88 35.48
C THR B 453 19.03 31.01 35.36
N HIS B 454 18.68 32.09 34.65
CA HIS B 454 19.61 33.18 34.37
C HIS B 454 19.31 34.39 35.22
N GLY B 455 18.52 34.20 36.26
CA GLY B 455 18.27 35.32 37.18
C GLY B 455 17.27 36.33 36.68
N ASN B 456 16.46 35.98 35.69
CA ASN B 456 15.55 36.87 35.01
C ASN B 456 14.09 36.56 35.33
N MET B 457 13.25 37.58 35.21
N MET B 457 13.27 37.58 35.15
CA MET B 457 11.81 37.40 35.22
CA MET B 457 11.81 37.48 35.17
C MET B 457 11.27 37.47 33.79
C MET B 457 11.28 37.44 33.74
N TRP B 458 9.99 37.12 33.63
CA TRP B 458 9.31 37.06 32.34
C TRP B 458 8.20 38.10 32.31
N VAL B 459 8.31 39.05 31.39
CA VAL B 459 7.30 40.09 31.26
C VAL B 459 7.06 40.26 29.77
N PRO B 460 6.04 39.60 29.20
CA PRO B 460 5.83 39.54 27.74
C PRO B 460 5.09 40.76 27.18
N SER B 461 5.76 41.90 27.24
CA SER B 461 5.30 43.09 26.51
C SER B 461 6.49 43.87 25.94
#